data_9FVF
#
_entry.id   9FVF
#
_cell.length_a   90.707
_cell.length_b   90.707
_cell.length_c   278.114
_cell.angle_alpha   90.00
_cell.angle_beta   90.00
_cell.angle_gamma   90.00
#
_symmetry.space_group_name_H-M   'P 43 21 2'
#
loop_
_entity.id
_entity.type
_entity.pdbx_description
1 polymer 'Amidase UMG-SP3'
2 non-polymer 1-(2-METHOXY-ETHOXY)-2-{2-[2-(2-METHOXY-ETHOXY]-ETHOXY}-ETHANE
3 non-polymer 'SULFATE ION'
4 water water
#
_entity_poly.entity_id   1
_entity_poly.type   'polypeptide(L)'
_entity_poly.pdbx_seq_one_letter_code
;MSELSAIETAAAIAGGSMTALEACDAAIARIEQRDGPINAVVVRDFDRAREAAKAADGEVAAGVSKPLLGVPMTIKESID
IAGLPTSWGFAEHADHIATADSVVVSRLKAAGAVFLGKTNIPVALADWQSSNPNYGRTNNPHDLTRSAGGSSGGAAAALA
AGMVPLEYGSDIGGSIRVPAHFCGVWGLKTTFDAVSLEGHYLPRTDGARGELGVVGPMARNPQDLALALDLTSRIALPIA
RIDTLNGLRILLLTHHPRAAADSAVVAAVEKAAESCAAQGAQVSTSNADLPDLSKLVSDYTRMLLIVLAQGKAPEGTEPV
SLNAWYGMLDDQARTIRGFDRLFDSFDAIFCPVLGTSAFPHSDEADWGKRTLTIDGADTPFGSQLAWISMATYCGMPALS
MPVGTDANGLPIGLQIITRNWSDHDAVRIGALVADALAA
;
_entity_poly.pdbx_strand_id   A,B
#
loop_
_chem_comp.id
_chem_comp.type
_chem_comp.name
_chem_comp.formula
PG6 non-polymer 1-(2-METHOXY-ETHOXY)-2-{2-[2-(2-METHOXY-ETHOXY]-ETHOXY}-ETHANE 'C12 H26 O6'
SO4 non-polymer 'SULFATE ION' 'O4 S -2'
#
# COMPACT_ATOMS: atom_id res chain seq x y z
N MET A 1 -24.06 -28.71 -5.53
CA MET A 1 -22.81 -27.95 -5.65
C MET A 1 -21.46 -28.72 -5.70
N SER A 2 -21.49 -29.97 -6.18
CA SER A 2 -20.28 -30.74 -6.42
C SER A 2 -19.54 -30.26 -7.67
N GLU A 3 -19.60 -28.97 -7.96
CA GLU A 3 -19.21 -28.52 -9.30
C GLU A 3 -17.71 -28.26 -9.44
N LEU A 4 -17.28 -28.03 -10.68
CA LEU A 4 -15.87 -27.82 -10.93
C LEU A 4 -15.42 -26.49 -10.35
N SER A 5 -14.23 -26.50 -9.77
CA SER A 5 -13.58 -25.27 -9.37
C SER A 5 -13.14 -24.49 -10.61
N ALA A 6 -12.73 -23.24 -10.36
CA ALA A 6 -12.29 -22.37 -11.44
C ALA A 6 -11.00 -22.88 -12.06
N ILE A 7 -10.06 -23.34 -11.23
CA ILE A 7 -8.83 -23.91 -11.75
C ILE A 7 -9.12 -25.16 -12.56
N GLU A 8 -10.09 -25.97 -12.10
CA GLU A 8 -10.46 -27.20 -12.82
C GLU A 8 -11.05 -26.86 -14.18
N THR A 9 -11.97 -25.90 -14.21
CA THR A 9 -12.58 -25.50 -15.48
C THR A 9 -11.54 -25.06 -16.49
N ALA A 10 -10.62 -24.16 -16.07
CA ALA A 10 -9.60 -23.68 -16.99
C ALA A 10 -8.76 -24.84 -17.52
N ALA A 11 -8.37 -25.75 -16.64
CA ALA A 11 -7.59 -26.91 -17.05
C ALA A 11 -8.39 -27.85 -17.92
N ALA A 12 -9.70 -27.95 -17.67
CA ALA A 12 -10.56 -28.71 -18.55
C ALA A 12 -10.50 -28.16 -19.96
N ILE A 13 -10.59 -26.84 -20.07
CA ILE A 13 -10.50 -26.19 -21.38
C ILE A 13 -9.09 -26.32 -21.95
N ALA A 14 -8.06 -26.21 -21.12
CA ALA A 14 -6.69 -26.26 -21.63
C ALA A 14 -6.29 -27.65 -22.15
N GLY A 15 -6.85 -28.73 -21.60
CA GLY A 15 -6.63 -30.06 -22.14
C GLY A 15 -7.59 -30.47 -23.23
N GLY A 16 -8.68 -29.72 -23.38
CA GLY A 16 -9.67 -30.00 -24.39
C GLY A 16 -10.85 -30.84 -23.93
N SER A 17 -10.96 -31.16 -22.64
CA SER A 17 -12.13 -31.91 -22.17
C SER A 17 -13.43 -31.22 -22.57
N MET A 18 -13.46 -29.89 -22.48
CA MET A 18 -14.63 -29.10 -22.81
C MET A 18 -14.16 -27.82 -23.46
N THR A 19 -15.09 -27.12 -24.11
CA THR A 19 -14.79 -25.80 -24.68
C THR A 19 -15.09 -24.71 -23.67
N ALA A 20 -14.64 -23.50 -23.99
CA ALA A 20 -15.03 -22.38 -23.14
C ALA A 20 -16.50 -22.04 -23.34
N LEU A 21 -17.01 -22.28 -24.55
CA LEU A 21 -18.44 -22.05 -24.77
C LEU A 21 -19.28 -23.08 -24.00
N GLU A 22 -18.80 -24.32 -23.92
CA GLU A 22 -19.52 -25.33 -23.16
C GLU A 22 -19.58 -24.96 -21.68
N ALA A 23 -18.44 -24.61 -21.10
CA ALA A 23 -18.39 -24.19 -19.69
C ALA A 23 -19.29 -22.98 -19.43
N CYS A 24 -19.30 -22.03 -20.36
CA CYS A 24 -20.16 -20.86 -20.20
C CYS A 24 -21.62 -21.26 -20.23
N ASP A 25 -21.98 -22.18 -21.12
CA ASP A 25 -23.38 -22.57 -21.27
C ASP A 25 -23.83 -23.39 -20.07
N ALA A 26 -22.94 -24.20 -19.51
CA ALA A 26 -23.31 -24.96 -18.32
C ALA A 26 -23.64 -24.02 -17.17
N ALA A 27 -22.86 -22.94 -17.00
CA ALA A 27 -23.13 -21.98 -15.91
C ALA A 27 -24.43 -21.22 -16.16
N ILE A 28 -24.69 -20.85 -17.41
CA ILE A 28 -25.98 -20.26 -17.70
C ILE A 28 -27.11 -21.22 -17.33
N ALA A 29 -26.95 -22.51 -17.65
CA ALA A 29 -27.99 -23.48 -17.31
C ALA A 29 -28.17 -23.59 -15.80
N ARG A 30 -27.08 -23.75 -15.07
CA ARG A 30 -27.18 -23.86 -13.62
C ARG A 30 -27.90 -22.66 -13.02
N ILE A 31 -27.66 -21.45 -13.54
CA ILE A 31 -28.34 -20.26 -13.02
C ILE A 31 -29.84 -20.32 -13.30
N GLU A 32 -30.20 -20.68 -14.52
CA GLU A 32 -31.62 -20.69 -14.84
C GLU A 32 -32.38 -21.76 -14.07
N GLN A 33 -31.76 -22.94 -13.89
CA GLN A 33 -32.42 -24.05 -13.21
C GLN A 33 -32.45 -23.85 -11.70
N ARG A 34 -31.51 -23.09 -11.14
CA ARG A 34 -31.30 -23.05 -9.70
C ARG A 34 -31.64 -21.71 -9.05
N ASP A 35 -31.66 -20.60 -9.80
CA ASP A 35 -31.69 -19.28 -9.18
C ASP A 35 -33.08 -18.76 -8.89
N GLY A 36 -34.15 -19.46 -9.29
CA GLY A 36 -35.48 -18.95 -9.10
C GLY A 36 -35.80 -18.66 -7.65
N PRO A 37 -35.59 -19.64 -6.77
CA PRO A 37 -35.91 -19.43 -5.35
C PRO A 37 -34.82 -18.70 -4.57
N ILE A 38 -33.66 -18.47 -5.16
CA ILE A 38 -32.53 -17.87 -4.45
C ILE A 38 -32.33 -16.42 -4.83
N ASN A 39 -32.44 -16.09 -6.11
CA ASN A 39 -32.38 -14.71 -6.59
C ASN A 39 -31.04 -14.06 -6.21
N ALA A 40 -29.95 -14.75 -6.56
CA ALA A 40 -28.59 -14.27 -6.36
C ALA A 40 -28.04 -13.50 -7.55
N VAL A 41 -28.35 -13.97 -8.77
CA VAL A 41 -27.76 -13.43 -9.98
C VAL A 41 -28.72 -12.49 -10.66
N VAL A 42 -28.77 -11.26 -10.16
CA VAL A 42 -29.84 -10.31 -10.48
C VAL A 42 -29.53 -9.42 -11.67
N VAL A 43 -28.33 -9.50 -12.23
CA VAL A 43 -27.97 -8.75 -13.43
C VAL A 43 -27.33 -9.76 -14.35
N ARG A 44 -27.92 -9.97 -15.53
CA ARG A 44 -27.44 -10.99 -16.45
C ARG A 44 -27.07 -10.39 -17.79
N ASP A 45 -26.03 -10.95 -18.39
CA ASP A 45 -25.36 -10.43 -19.58
C ASP A 45 -25.01 -11.60 -20.49
N PHE A 46 -25.99 -12.48 -20.70
CA PHE A 46 -25.69 -13.81 -21.23
C PHE A 46 -25.28 -13.77 -22.69
N ASP A 47 -25.95 -12.95 -23.50
CA ASP A 47 -25.55 -12.86 -24.91
C ASP A 47 -24.09 -12.42 -25.06
N ARG A 48 -23.72 -11.36 -24.32
CA ARG A 48 -22.38 -10.81 -24.42
C ARG A 48 -21.35 -11.79 -23.88
N ALA A 49 -21.69 -12.47 -22.80
CA ALA A 49 -20.74 -13.44 -22.26
C ALA A 49 -20.55 -14.61 -23.22
N ARG A 50 -21.58 -15.02 -23.95
CA ARG A 50 -21.44 -16.15 -24.87
C ARG A 50 -20.49 -15.78 -26.00
N GLU A 51 -20.74 -14.65 -26.66
CA GLU A 51 -19.78 -14.10 -27.61
C GLU A 51 -18.35 -14.06 -27.04
N ALA A 52 -18.21 -13.71 -25.76
CA ALA A 52 -16.89 -13.67 -25.15
C ALA A 52 -16.31 -15.07 -24.98
N ALA A 53 -17.12 -16.04 -24.60
CA ALA A 53 -16.60 -17.39 -24.47
C ALA A 53 -16.16 -17.94 -25.83
N LYS A 54 -16.95 -17.67 -26.88
CA LYS A 54 -16.52 -18.00 -28.24
C LYS A 54 -15.15 -17.41 -28.51
N ALA A 55 -14.95 -16.14 -28.14
CA ALA A 55 -13.65 -15.51 -28.36
C ALA A 55 -12.53 -16.31 -27.67
N ALA A 56 -12.73 -16.64 -26.40
CA ALA A 56 -11.72 -17.40 -25.67
C ALA A 56 -11.42 -18.74 -26.34
N ASP A 57 -12.43 -19.37 -26.96
CA ASP A 57 -12.16 -20.63 -27.67
C ASP A 57 -11.27 -20.40 -28.88
N GLY A 58 -11.46 -19.27 -29.58
CA GLY A 58 -10.56 -18.94 -30.68
C GLY A 58 -9.14 -18.69 -30.21
N GLU A 59 -8.99 -18.22 -28.97
CA GLU A 59 -7.66 -18.06 -28.40
C GLU A 59 -7.01 -19.43 -28.14
N VAL A 60 -7.68 -20.30 -27.37
CA VAL A 60 -7.07 -21.59 -27.07
C VAL A 60 -6.78 -22.35 -28.36
N ALA A 61 -7.64 -22.21 -29.37
CA ALA A 61 -7.38 -22.81 -30.67
C ALA A 61 -6.05 -22.34 -31.26
N ALA A 62 -5.64 -21.11 -30.91
CA ALA A 62 -4.41 -20.53 -31.44
C ALA A 62 -3.23 -20.70 -30.50
N GLY A 63 -3.32 -21.61 -29.54
CA GLY A 63 -2.23 -21.88 -28.63
C GLY A 63 -2.24 -21.09 -27.35
N VAL A 64 -3.17 -20.16 -27.19
CA VAL A 64 -3.14 -19.26 -26.03
C VAL A 64 -3.59 -20.01 -24.79
N SER A 65 -2.97 -19.70 -23.67
CA SER A 65 -3.49 -20.16 -22.39
C SER A 65 -3.28 -19.07 -21.34
N LYS A 66 -4.24 -18.99 -20.42
CA LYS A 66 -4.25 -17.99 -19.36
C LYS A 66 -4.89 -18.67 -18.18
N PRO A 67 -4.51 -18.30 -16.97
CA PRO A 67 -4.93 -19.09 -15.79
C PRO A 67 -6.43 -19.24 -15.63
N LEU A 68 -7.24 -18.38 -16.27
CA LEU A 68 -8.69 -18.43 -16.15
C LEU A 68 -9.35 -18.45 -17.53
N LEU A 69 -8.64 -18.97 -18.54
CA LEU A 69 -9.11 -18.82 -19.92
C LEU A 69 -10.42 -19.54 -20.17
N GLY A 70 -11.52 -18.77 -20.23
CA GLY A 70 -12.83 -19.30 -20.53
C GLY A 70 -13.69 -19.59 -19.32
N VAL A 71 -13.21 -19.28 -18.13
CA VAL A 71 -13.93 -19.63 -16.91
C VAL A 71 -15.01 -18.60 -16.63
N PRO A 72 -16.28 -19.01 -16.56
CA PRO A 72 -17.34 -18.07 -16.23
C PRO A 72 -17.34 -17.75 -14.76
N MET A 73 -17.56 -16.48 -14.45
CA MET A 73 -17.78 -16.03 -13.09
C MET A 73 -18.82 -14.91 -13.12
N THR A 74 -19.20 -14.46 -11.92
CA THR A 74 -20.00 -13.26 -11.75
C THR A 74 -19.28 -12.34 -10.76
N ILE A 75 -19.77 -11.13 -10.59
CA ILE A 75 -19.19 -10.21 -9.64
C ILE A 75 -20.26 -9.45 -8.87
N LYS A 76 -19.92 -9.00 -7.67
CA LYS A 76 -20.82 -8.21 -6.88
C LYS A 76 -21.33 -7.01 -7.68
N GLU A 77 -22.62 -6.71 -7.51
CA GLU A 77 -23.26 -5.67 -8.33
C GLU A 77 -22.65 -4.29 -8.08
N SER A 78 -21.93 -4.08 -6.99
CA SER A 78 -21.35 -2.75 -6.72
C SER A 78 -20.03 -2.48 -7.46
N ILE A 79 -19.50 -3.44 -8.21
CA ILE A 79 -18.24 -3.34 -8.94
C ILE A 79 -18.54 -3.14 -10.42
N ASP A 80 -18.03 -2.04 -10.99
CA ASP A 80 -18.41 -1.65 -12.34
C ASP A 80 -17.99 -2.71 -13.36
N ILE A 81 -18.91 -3.03 -14.26
CA ILE A 81 -18.66 -3.78 -15.49
C ILE A 81 -19.18 -2.92 -16.64
N ALA A 82 -18.33 -2.67 -17.60
CA ALA A 82 -18.73 -1.76 -18.67
C ALA A 82 -19.97 -2.32 -19.32
N GLY A 83 -21.00 -1.49 -19.41
CA GLY A 83 -22.22 -1.86 -20.11
C GLY A 83 -23.32 -2.40 -19.23
N LEU A 84 -23.12 -2.52 -17.93
CA LEU A 84 -24.09 -3.07 -16.99
C LEU A 84 -24.40 -2.05 -15.90
N PRO A 85 -25.53 -2.18 -15.22
CA PRO A 85 -25.84 -1.20 -14.17
C PRO A 85 -24.97 -1.41 -12.94
N THR A 86 -24.72 -0.30 -12.24
CA THR A 86 -24.22 -0.30 -10.87
C THR A 86 -25.08 0.65 -10.04
N SER A 87 -25.86 0.10 -9.12
CA SER A 87 -26.88 0.82 -8.40
C SER A 87 -26.69 0.78 -6.89
N TRP A 88 -25.95 -0.19 -6.38
CA TRP A 88 -25.83 -0.41 -4.96
C TRP A 88 -27.19 -0.54 -4.31
N GLY A 89 -28.21 -0.94 -5.09
CA GLY A 89 -29.55 -1.15 -4.57
C GLY A 89 -30.41 0.07 -4.44
N PHE A 90 -29.92 1.24 -4.84
CA PHE A 90 -30.72 2.46 -4.80
C PHE A 90 -31.69 2.46 -5.98
N ALA A 91 -32.96 2.73 -5.70
CA ALA A 91 -33.88 2.90 -6.82
C ALA A 91 -33.39 4.02 -7.73
N GLU A 92 -32.90 5.12 -7.14
CA GLU A 92 -32.46 6.28 -7.90
C GLU A 92 -31.35 5.95 -8.89
N HIS A 93 -30.60 4.87 -8.68
CA HIS A 93 -29.45 4.56 -9.51
C HIS A 93 -29.59 3.25 -10.26
N ALA A 94 -30.81 2.70 -10.36
CA ALA A 94 -31.01 1.41 -11.00
C ALA A 94 -30.61 1.46 -12.47
N ASP A 95 -30.72 2.62 -13.11
CA ASP A 95 -30.36 2.75 -14.51
C ASP A 95 -29.05 3.53 -14.71
N HIS A 96 -28.19 3.59 -13.69
CA HIS A 96 -26.83 4.06 -13.87
C HIS A 96 -25.99 2.97 -14.51
N ILE A 97 -25.64 3.14 -15.77
CA ILE A 97 -24.86 2.15 -16.51
C ILE A 97 -23.39 2.55 -16.43
N ALA A 98 -22.55 1.64 -15.95
CA ALA A 98 -21.13 1.86 -15.88
C ALA A 98 -20.55 1.95 -17.27
N THR A 99 -19.61 2.88 -17.43
CA THR A 99 -18.94 3.10 -18.70
C THR A 99 -17.61 2.36 -18.79
N ALA A 100 -16.91 2.13 -17.69
CA ALA A 100 -15.65 1.40 -17.75
C ALA A 100 -15.69 0.18 -16.84
N ASP A 101 -15.01 -0.87 -17.26
CA ASP A 101 -14.69 -1.97 -16.38
C ASP A 101 -13.90 -1.46 -15.17
N SER A 102 -14.23 -2.01 -14.01
CA SER A 102 -13.41 -1.84 -12.82
C SER A 102 -12.06 -2.52 -13.03
N VAL A 103 -11.11 -2.15 -12.16
CA VAL A 103 -9.75 -2.69 -12.26
C VAL A 103 -9.72 -4.18 -11.97
N VAL A 104 -10.50 -4.64 -10.98
CA VAL A 104 -10.56 -6.07 -10.71
C VAL A 104 -11.11 -6.80 -11.92
N VAL A 105 -12.18 -6.27 -12.51
CA VAL A 105 -12.75 -6.96 -13.68
C VAL A 105 -11.76 -6.94 -14.82
N SER A 106 -11.09 -5.81 -15.04
CA SER A 106 -10.07 -5.75 -16.09
C SER A 106 -9.01 -6.83 -15.90
N ARG A 107 -8.56 -7.01 -14.64
CA ARG A 107 -7.49 -7.98 -14.39
C ARG A 107 -7.97 -9.38 -14.71
N LEU A 108 -9.17 -9.73 -14.22
CA LEU A 108 -9.71 -11.08 -14.37
C LEU A 108 -10.07 -11.39 -15.81
N LYS A 109 -10.73 -10.46 -16.50
CA LYS A 109 -10.84 -10.54 -17.95
C LYS A 109 -9.48 -10.77 -18.63
N ALA A 110 -8.45 -10.05 -18.19
CA ALA A 110 -7.15 -10.19 -18.83
C ALA A 110 -6.57 -11.59 -18.61
N ALA A 111 -6.87 -12.20 -17.47
CA ALA A 111 -6.56 -13.60 -17.24
C ALA A 111 -7.54 -14.55 -17.95
N GLY A 112 -8.53 -14.00 -18.65
CA GLY A 112 -9.34 -14.76 -19.56
C GLY A 112 -10.69 -15.15 -19.03
N ALA A 113 -11.08 -14.59 -17.89
CA ALA A 113 -12.35 -14.89 -17.28
C ALA A 113 -13.48 -14.27 -18.09
N VAL A 114 -14.66 -14.89 -17.97
CA VAL A 114 -15.86 -14.47 -18.69
C VAL A 114 -16.93 -14.15 -17.67
N PHE A 115 -17.52 -12.94 -17.76
CA PHE A 115 -18.51 -12.50 -16.78
C PHE A 115 -19.94 -12.72 -17.28
N LEU A 116 -20.68 -13.58 -16.57
CA LEU A 116 -22.06 -13.85 -16.93
C LEU A 116 -23.02 -12.78 -16.40
N GLY A 117 -22.67 -12.08 -15.33
CA GLY A 117 -23.54 -11.07 -14.77
C GLY A 117 -23.06 -10.70 -13.38
N LYS A 118 -23.97 -10.15 -12.59
CA LYS A 118 -23.65 -9.65 -11.25
C LYS A 118 -24.63 -10.13 -10.19
N THR A 119 -24.18 -10.09 -8.93
CA THR A 119 -24.93 -10.67 -7.83
C THR A 119 -25.38 -9.62 -6.83
N ASN A 120 -26.39 -9.97 -6.04
CA ASN A 120 -27.26 -9.02 -5.37
C ASN A 120 -26.64 -8.51 -4.09
N ILE A 121 -27.17 -7.39 -3.63
CA ILE A 121 -26.59 -6.58 -2.58
C ILE A 121 -27.69 -5.88 -1.78
N PRO A 122 -27.43 -5.46 -0.55
CA PRO A 122 -28.39 -4.61 0.15
C PRO A 122 -28.27 -3.16 -0.28
N VAL A 123 -29.27 -2.38 0.12
CA VAL A 123 -29.31 -0.97 -0.21
C VAL A 123 -28.14 -0.28 0.48
N ALA A 124 -27.29 0.38 -0.30
CA ALA A 124 -26.13 1.09 0.21
C ALA A 124 -25.06 0.17 0.77
N LEU A 125 -25.13 -1.13 0.51
CA LEU A 125 -24.22 -2.11 1.06
C LEU A 125 -24.22 -2.11 2.57
N ALA A 126 -25.26 -1.54 3.17
CA ALA A 126 -25.35 -1.36 4.61
C ALA A 126 -26.15 -2.45 5.32
N ASP A 127 -26.06 -3.72 4.92
CA ASP A 127 -26.76 -4.75 5.69
C ASP A 127 -26.05 -6.09 5.56
N TRP A 128 -26.29 -6.94 6.56
CA TRP A 128 -25.90 -8.35 6.51
C TRP A 128 -27.01 -9.21 5.91
N GLN A 129 -27.78 -8.62 5.01
CA GLN A 129 -28.80 -9.23 4.19
C GLN A 129 -28.57 -8.68 2.79
N SER A 130 -29.19 -9.26 1.78
CA SER A 130 -29.17 -8.70 0.42
C SER A 130 -30.59 -8.60 -0.12
N SER A 131 -31.14 -7.40 -0.04
CA SER A 131 -32.50 -7.10 -0.45
C SER A 131 -32.56 -5.64 -0.79
N ASN A 132 -33.24 -5.29 -1.88
CA ASN A 132 -33.31 -3.92 -2.35
C ASN A 132 -34.47 -3.81 -3.34
N PRO A 133 -34.95 -2.61 -3.62
CA PRO A 133 -36.12 -2.48 -4.49
C PRO A 133 -35.83 -2.60 -5.99
N ASN A 134 -34.59 -2.69 -6.44
CA ASN A 134 -34.40 -2.92 -7.86
C ASN A 134 -34.49 -4.41 -8.23
N TYR A 135 -33.97 -5.28 -7.37
CA TYR A 135 -33.86 -6.69 -7.67
C TYR A 135 -34.57 -7.60 -6.68
N GLY A 136 -34.95 -7.12 -5.51
CA GLY A 136 -35.52 -7.98 -4.52
C GLY A 136 -34.46 -8.57 -3.60
N ARG A 137 -34.80 -9.71 -3.01
CA ARG A 137 -34.09 -10.29 -1.87
C ARG A 137 -33.48 -11.62 -2.27
N THR A 138 -32.22 -11.86 -1.85
CA THR A 138 -31.54 -13.12 -2.01
C THR A 138 -31.76 -14.00 -0.78
N ASN A 139 -32.02 -15.30 -1.01
CA ASN A 139 -32.30 -16.23 0.09
C ASN A 139 -31.19 -17.26 0.19
N ASN A 140 -30.86 -17.62 1.42
CA ASN A 140 -29.77 -18.55 1.67
C ASN A 140 -30.06 -19.91 1.05
N PRO A 141 -29.20 -20.43 0.18
CA PRO A 141 -29.48 -21.72 -0.44
C PRO A 141 -29.57 -22.85 0.54
N HIS A 142 -28.99 -22.72 1.71
CA HIS A 142 -29.14 -23.80 2.68
C HIS A 142 -30.47 -23.75 3.40
N ASP A 143 -31.13 -22.59 3.45
CA ASP A 143 -32.41 -22.48 4.11
C ASP A 143 -33.05 -21.17 3.63
N LEU A 144 -34.04 -21.30 2.74
CA LEU A 144 -34.60 -20.13 2.09
C LEU A 144 -35.25 -19.16 3.08
N THR A 145 -35.55 -19.59 4.30
CA THR A 145 -36.13 -18.67 5.27
C THR A 145 -35.09 -17.78 5.92
N ARG A 146 -33.81 -17.98 5.66
CA ARG A 146 -32.76 -17.23 6.35
C ARG A 146 -31.94 -16.42 5.38
N SER A 147 -31.29 -15.39 5.95
CA SER A 147 -30.52 -14.44 5.17
C SER A 147 -29.36 -15.12 4.48
N ALA A 148 -29.06 -14.67 3.27
CA ALA A 148 -27.87 -15.08 2.56
C ALA A 148 -26.63 -14.33 3.02
N GLY A 149 -26.75 -13.49 4.03
CA GLY A 149 -25.67 -12.59 4.39
C GLY A 149 -25.71 -11.33 3.56
N GLY A 150 -24.79 -10.43 3.91
CA GLY A 150 -24.62 -9.17 3.21
C GLY A 150 -23.34 -8.48 3.63
N SER A 151 -22.85 -7.59 2.78
CA SER A 151 -23.47 -7.11 1.57
C SER A 151 -23.04 -7.86 0.31
N SER A 152 -22.07 -8.76 0.40
CA SER A 152 -21.81 -9.64 -0.76
C SER A 152 -22.63 -10.93 -0.65
N GLY A 153 -23.94 -10.78 -0.37
CA GLY A 153 -24.79 -11.94 -0.13
C GLY A 153 -25.11 -12.73 -1.39
N GLY A 154 -25.45 -12.02 -2.47
CA GLY A 154 -25.69 -12.72 -3.73
C GLY A 154 -24.50 -13.55 -4.15
N ALA A 155 -23.29 -12.98 -4.07
CA ALA A 155 -22.09 -13.71 -4.47
C ALA A 155 -21.99 -15.03 -3.70
N ALA A 156 -22.17 -14.97 -2.39
CA ALA A 156 -22.01 -16.15 -1.58
C ALA A 156 -23.12 -17.18 -1.87
N ALA A 157 -24.37 -16.72 -2.06
CA ALA A 157 -25.44 -17.64 -2.45
C ALA A 157 -25.11 -18.33 -3.74
N ALA A 158 -24.74 -17.55 -4.76
CA ALA A 158 -24.45 -18.13 -6.07
C ALA A 158 -23.31 -19.15 -5.99
N LEU A 159 -22.31 -18.89 -5.17
CA LEU A 159 -21.26 -19.88 -5.02
C LEU A 159 -21.79 -21.12 -4.32
N ALA A 160 -22.60 -20.93 -3.31
CA ALA A 160 -23.03 -22.06 -2.50
C ALA A 160 -23.95 -22.99 -3.28
N ALA A 161 -24.74 -22.47 -4.23
CA ALA A 161 -25.53 -23.34 -5.09
C ALA A 161 -24.81 -23.74 -6.36
N GLY A 162 -23.50 -23.54 -6.44
CA GLY A 162 -22.75 -24.13 -7.53
C GLY A 162 -22.97 -23.50 -8.89
N MET A 163 -23.53 -22.31 -8.93
CA MET A 163 -23.78 -21.66 -10.21
C MET A 163 -22.48 -21.37 -10.93
N VAL A 164 -21.60 -20.58 -10.32
CA VAL A 164 -20.28 -20.27 -10.87
C VAL A 164 -19.21 -20.58 -9.84
N PRO A 165 -17.97 -20.87 -10.27
CA PRO A 165 -16.91 -21.28 -9.34
C PRO A 165 -16.19 -20.13 -8.69
N LEU A 166 -16.35 -18.90 -9.19
CA LEU A 166 -15.58 -17.78 -8.67
C LEU A 166 -16.41 -16.50 -8.59
N GLU A 167 -16.14 -15.72 -7.55
CA GLU A 167 -16.80 -14.44 -7.34
C GLU A 167 -15.83 -13.44 -6.69
N TYR A 168 -16.28 -12.20 -6.62
CA TYR A 168 -15.44 -11.17 -6.02
C TYR A 168 -16.36 -10.17 -5.33
N GLY A 169 -16.10 -9.93 -4.05
CA GLY A 169 -16.95 -9.02 -3.30
C GLY A 169 -16.24 -7.86 -2.63
N SER A 170 -16.90 -7.23 -1.65
CA SER A 170 -16.29 -6.13 -0.92
C SER A 170 -16.71 -6.13 0.54
N ASP A 171 -15.80 -5.62 1.40
CA ASP A 171 -15.92 -5.76 2.86
C ASP A 171 -15.49 -4.46 3.51
N ILE A 172 -16.46 -3.74 4.06
CA ILE A 172 -16.17 -2.70 5.04
C ILE A 172 -16.77 -2.98 6.42
N GLY A 173 -17.64 -3.97 6.56
CA GLY A 173 -18.31 -4.22 7.83
C GLY A 173 -18.61 -5.68 8.00
N GLY A 174 -17.71 -6.51 7.50
CA GLY A 174 -17.96 -7.92 7.43
C GLY A 174 -18.52 -8.40 6.11
N SER A 175 -18.65 -7.52 5.10
CA SER A 175 -19.45 -7.78 3.92
C SER A 175 -18.91 -8.88 3.01
N ILE A 176 -17.76 -9.48 3.29
CA ILE A 176 -17.30 -10.65 2.58
C ILE A 176 -17.33 -11.87 3.49
N ARG A 177 -16.82 -11.70 4.71
CA ARG A 177 -16.72 -12.81 5.65
C ARG A 177 -18.10 -13.29 6.12
N VAL A 178 -19.06 -12.38 6.32
CA VAL A 178 -20.33 -12.69 6.92
C VAL A 178 -21.14 -13.51 5.90
N PRO A 179 -21.32 -13.07 4.65
CA PRO A 179 -22.00 -13.95 3.68
C PRO A 179 -21.31 -15.28 3.45
N ALA A 180 -19.98 -15.30 3.34
CA ALA A 180 -19.29 -16.56 3.20
C ALA A 180 -19.60 -17.50 4.36
N HIS A 181 -19.70 -16.95 5.56
CA HIS A 181 -20.00 -17.72 6.75
C HIS A 181 -21.44 -18.24 6.77
N PHE A 182 -22.41 -17.41 6.37
CA PHE A 182 -23.81 -17.77 6.41
C PHE A 182 -24.14 -18.82 5.36
N CYS A 183 -23.49 -18.76 4.19
CA CYS A 183 -23.78 -19.67 3.09
C CYS A 183 -22.77 -20.80 2.95
N GLY A 184 -21.81 -20.93 3.86
CA GLY A 184 -20.89 -22.05 3.83
C GLY A 184 -19.93 -22.09 2.66
N VAL A 185 -19.36 -20.94 2.28
CA VAL A 185 -18.34 -20.84 1.23
C VAL A 185 -17.14 -20.08 1.80
N TRP A 186 -16.10 -19.90 0.97
CA TRP A 186 -14.85 -19.27 1.40
C TRP A 186 -14.81 -17.83 0.91
N GLY A 187 -14.53 -16.91 1.81
CA GLY A 187 -14.32 -15.52 1.42
C GLY A 187 -13.11 -14.86 2.06
N LEU A 188 -12.33 -14.15 1.25
CA LEU A 188 -11.09 -13.55 1.75
C LEU A 188 -11.23 -12.04 1.81
N LYS A 189 -11.32 -11.51 3.03
CA LYS A 189 -11.12 -10.08 3.26
C LYS A 189 -9.62 -9.80 3.15
N THR A 190 -9.23 -9.01 2.16
CA THR A 190 -7.80 -8.83 1.87
C THR A 190 -7.16 -7.72 2.72
N THR A 191 -5.84 -7.75 2.77
CA THR A 191 -5.10 -6.68 3.45
C THR A 191 -5.53 -5.33 2.93
N PHE A 192 -5.71 -4.36 3.84
CA PHE A 192 -6.09 -3.02 3.39
C PHE A 192 -5.14 -2.50 2.31
N ASP A 193 -5.74 -1.85 1.29
CA ASP A 193 -5.08 -1.26 0.12
C ASP A 193 -4.35 -2.22 -0.81
N ALA A 194 -4.46 -3.53 -0.58
CA ALA A 194 -3.72 -4.49 -1.41
C ALA A 194 -4.33 -4.70 -2.80
N VAL A 195 -5.63 -4.48 -2.95
CA VAL A 195 -6.34 -4.65 -4.22
C VAL A 195 -6.99 -3.32 -4.52
N SER A 196 -6.93 -2.89 -5.76
CA SER A 196 -7.45 -1.58 -6.11
C SER A 196 -8.98 -1.55 -6.06
N LEU A 197 -9.53 -0.46 -5.55
CA LEU A 197 -10.94 -0.18 -5.49
C LEU A 197 -11.45 0.64 -6.66
N GLU A 198 -10.63 0.84 -7.69
CA GLU A 198 -11.08 1.60 -8.85
C GLU A 198 -12.25 0.87 -9.53
N GLY A 199 -13.37 1.56 -9.67
CA GLY A 199 -14.56 0.95 -10.20
C GLY A 199 -15.54 0.45 -9.16
N HIS A 200 -15.16 0.42 -7.87
CA HIS A 200 -16.11 0.23 -6.75
C HIS A 200 -16.55 1.60 -6.26
N TYR A 201 -17.32 2.27 -7.10
CA TYR A 201 -17.66 3.67 -6.96
C TYR A 201 -19.09 3.83 -6.52
N LEU A 202 -19.33 4.74 -5.59
CA LEU A 202 -20.67 5.24 -5.35
C LEU A 202 -21.30 5.62 -6.70
N PRO A 203 -22.51 5.16 -6.98
CA PRO A 203 -23.03 5.28 -8.34
C PRO A 203 -23.02 6.74 -8.78
N ARG A 204 -22.68 6.94 -10.05
CA ARG A 204 -22.61 8.25 -10.65
C ARG A 204 -21.37 9.06 -10.19
N THR A 205 -20.50 8.48 -9.39
CA THR A 205 -19.28 9.16 -8.96
C THR A 205 -18.08 8.35 -9.39
N ASP A 206 -16.91 8.99 -9.39
CA ASP A 206 -15.63 8.28 -9.53
C ASP A 206 -14.86 8.33 -8.22
N GLY A 207 -15.59 8.43 -7.11
CA GLY A 207 -15.02 8.34 -5.78
C GLY A 207 -15.28 6.96 -5.19
N ALA A 208 -14.25 6.43 -4.55
CA ALA A 208 -14.38 5.27 -3.70
C ALA A 208 -14.21 5.71 -2.25
N ARG A 209 -14.61 4.83 -1.34
CA ARG A 209 -14.41 5.06 0.09
C ARG A 209 -12.98 4.66 0.43
N GLY A 210 -12.15 5.65 0.79
CA GLY A 210 -10.73 5.42 0.95
C GLY A 210 -10.21 5.02 2.32
N GLU A 211 -11.08 4.55 3.22
CA GLU A 211 -10.60 3.98 4.48
C GLU A 211 -11.40 2.73 4.76
N LEU A 212 -10.76 1.78 5.45
CA LEU A 212 -11.38 0.57 5.99
C LEU A 212 -11.78 -0.50 4.98
N GLY A 213 -12.39 -0.12 3.87
CA GLY A 213 -12.97 -1.07 2.98
C GLY A 213 -11.95 -1.67 2.03
N VAL A 214 -12.23 -2.93 1.65
CA VAL A 214 -11.41 -3.66 0.70
C VAL A 214 -12.31 -4.47 -0.24
N VAL A 215 -11.70 -4.99 -1.30
CA VAL A 215 -12.34 -5.97 -2.18
C VAL A 215 -11.48 -7.24 -2.09
N GLY A 216 -12.13 -8.38 -2.31
CA GLY A 216 -11.50 -9.67 -2.15
C GLY A 216 -12.35 -10.77 -2.76
N PRO A 217 -11.71 -11.90 -3.09
CA PRO A 217 -12.38 -12.95 -3.86
C PRO A 217 -13.18 -13.90 -2.97
N MET A 218 -14.10 -14.63 -3.64
CA MET A 218 -15.00 -15.56 -2.98
C MET A 218 -15.06 -16.84 -3.81
N ALA A 219 -14.97 -18.00 -3.17
CA ALA A 219 -14.97 -19.25 -3.92
C ALA A 219 -15.46 -20.39 -3.01
N ARG A 220 -15.40 -21.62 -3.54
CA ARG A 220 -15.76 -22.82 -2.82
C ARG A 220 -14.56 -23.56 -2.25
N ASN A 221 -13.35 -23.09 -2.55
CA ASN A 221 -12.13 -23.78 -2.12
C ASN A 221 -11.02 -22.77 -2.00
N PRO A 222 -10.01 -23.02 -1.16
CA PRO A 222 -8.94 -22.03 -0.95
C PRO A 222 -8.00 -21.81 -2.14
N GLN A 223 -7.89 -22.77 -3.05
CA GLN A 223 -6.96 -22.64 -4.18
C GLN A 223 -7.44 -21.61 -5.18
N ASP A 224 -8.75 -21.54 -5.41
CA ASP A 224 -9.32 -20.53 -6.29
C ASP A 224 -9.07 -19.14 -5.73
N LEU A 225 -9.18 -18.98 -4.41
CA LEU A 225 -8.94 -17.68 -3.79
C LEU A 225 -7.50 -17.24 -3.99
N ALA A 226 -6.54 -18.13 -3.71
CA ALA A 226 -5.13 -17.77 -3.85
C ALA A 226 -4.87 -17.31 -5.27
N LEU A 227 -5.34 -18.07 -6.25
CA LEU A 227 -5.14 -17.68 -7.63
C LEU A 227 -5.83 -16.37 -7.93
N ALA A 228 -7.04 -16.19 -7.42
CA ALA A 228 -7.78 -14.97 -7.73
C ALA A 228 -7.10 -13.75 -7.10
N LEU A 229 -6.47 -13.95 -5.95
CA LEU A 229 -5.68 -12.88 -5.34
C LEU A 229 -4.44 -12.54 -6.18
N ASP A 230 -3.72 -13.58 -6.66
CA ASP A 230 -2.50 -13.30 -7.42
C ASP A 230 -2.81 -12.54 -8.69
N LEU A 231 -4.00 -12.74 -9.23
CA LEU A 231 -4.38 -12.12 -10.47
C LEU A 231 -4.91 -10.71 -10.30
N THR A 232 -5.25 -10.31 -9.08
CA THR A 232 -5.87 -9.01 -8.86
C THR A 232 -5.12 -8.06 -7.92
N SER A 233 -4.16 -8.52 -7.12
CA SER A 233 -3.42 -7.60 -6.27
C SER A 233 -2.67 -6.60 -7.14
N ARG A 234 -2.60 -5.35 -6.69
CA ARG A 234 -1.97 -4.33 -7.54
C ARG A 234 -0.52 -4.67 -7.82
N ILE A 235 0.16 -5.32 -6.86
CA ILE A 235 1.42 -6.01 -7.10
C ILE A 235 1.41 -7.38 -6.41
N ALA A 236 2.40 -8.19 -6.72
CA ALA A 236 2.51 -9.53 -6.20
C ALA A 236 2.83 -9.53 -4.72
N LEU A 237 2.07 -10.32 -3.95
CA LEU A 237 2.13 -10.38 -2.51
C LEU A 237 3.01 -11.54 -2.05
N PRO A 238 3.52 -11.46 -0.83
CA PRO A 238 4.37 -12.54 -0.32
C PRO A 238 3.68 -13.90 -0.36
N ILE A 239 4.42 -14.90 -0.84
CA ILE A 239 3.92 -16.26 -0.84
C ILE A 239 3.77 -16.77 0.59
N ALA A 240 2.96 -17.81 0.73
CA ALA A 240 2.76 -18.41 2.04
C ALA A 240 4.08 -18.97 2.55
N ARG A 241 4.48 -18.54 3.75
CA ARG A 241 5.64 -19.14 4.40
C ARG A 241 5.29 -20.44 5.11
N ILE A 242 4.03 -20.57 5.56
CA ILE A 242 3.58 -21.76 6.27
C ILE A 242 3.51 -22.93 5.30
N ASP A 243 3.71 -24.15 5.84
CA ASP A 243 3.49 -25.34 5.02
C ASP A 243 3.10 -26.55 5.86
N THR A 244 2.61 -26.34 7.09
CA THR A 244 2.24 -27.42 8.01
C THR A 244 1.68 -26.79 9.28
N LEU A 245 0.72 -27.46 9.95
CA LEU A 245 0.20 -26.95 11.22
C LEU A 245 1.15 -27.28 12.38
N ASN A 246 2.23 -27.99 12.12
CA ASN A 246 3.17 -28.35 13.16
C ASN A 246 3.93 -27.09 13.61
N GLY A 247 3.81 -26.77 14.90
CA GLY A 247 4.37 -25.59 15.49
C GLY A 247 3.63 -24.30 15.21
N LEU A 248 2.63 -24.32 14.34
CA LEU A 248 1.88 -23.09 14.09
C LEU A 248 1.36 -22.52 15.40
N ARG A 249 1.49 -21.21 15.57
CA ARG A 249 1.10 -20.52 16.80
C ARG A 249 -0.28 -19.88 16.59
N ILE A 250 -1.27 -20.33 17.34
CA ILE A 250 -2.65 -19.88 17.13
C ILE A 250 -3.13 -19.18 18.38
N LEU A 251 -3.74 -18.02 18.19
CA LEU A 251 -4.43 -17.35 19.28
C LEU A 251 -5.92 -17.58 19.06
N LEU A 252 -6.54 -18.23 20.03
CA LEU A 252 -7.94 -18.66 19.93
C LEU A 252 -8.81 -17.74 20.78
N LEU A 253 -9.68 -16.97 20.12
CA LEU A 253 -10.57 -16.05 20.82
C LEU A 253 -12.02 -16.48 20.58
N THR A 254 -12.63 -17.09 21.59
CA THR A 254 -14.03 -17.46 21.57
C THR A 254 -14.93 -16.52 22.37
N HIS A 255 -14.35 -15.57 23.08
CA HIS A 255 -15.04 -14.57 23.88
C HIS A 255 -14.64 -13.20 23.36
N HIS A 256 -15.60 -12.26 23.39
CA HIS A 256 -15.36 -10.90 23.01
C HIS A 256 -16.10 -10.01 23.99
N PRO A 257 -15.42 -9.04 24.62
CA PRO A 257 -16.10 -8.22 25.63
C PRO A 257 -17.25 -7.40 25.10
N ARG A 258 -17.39 -7.22 23.79
CA ARG A 258 -18.52 -6.46 23.26
C ARG A 258 -19.56 -7.29 22.47
N ALA A 259 -19.49 -8.61 22.51
CA ALA A 259 -20.48 -9.40 21.79
C ALA A 259 -20.48 -10.84 22.26
N ALA A 260 -21.66 -11.44 22.34
CA ALA A 260 -21.77 -12.84 22.70
C ALA A 260 -21.63 -13.71 21.46
N ALA A 261 -21.35 -14.98 21.69
CA ALA A 261 -21.33 -15.99 20.63
C ALA A 261 -22.20 -17.17 21.07
N ASP A 262 -23.06 -17.64 20.17
CA ASP A 262 -23.88 -18.83 20.41
C ASP A 262 -22.99 -20.02 20.74
N SER A 263 -23.44 -20.87 21.67
CA SER A 263 -22.62 -22.01 22.06
C SER A 263 -22.19 -22.88 20.89
N ALA A 264 -23.02 -22.98 19.85
CA ALA A 264 -22.67 -23.83 18.71
C ALA A 264 -21.59 -23.20 17.86
N VAL A 265 -21.61 -21.88 17.70
CA VAL A 265 -20.54 -21.19 16.98
C VAL A 265 -19.22 -21.32 17.74
N VAL A 266 -19.26 -21.14 19.06
CA VAL A 266 -18.06 -21.30 19.85
C VAL A 266 -17.51 -22.70 19.67
N ALA A 267 -18.38 -23.71 19.82
CA ALA A 267 -17.94 -25.10 19.71
C ALA A 267 -17.29 -25.36 18.36
N ALA A 268 -17.87 -24.82 17.28
CA ALA A 268 -17.29 -25.03 15.97
C ALA A 268 -15.88 -24.46 15.88
N VAL A 269 -15.68 -23.22 16.36
CA VAL A 269 -14.37 -22.59 16.31
C VAL A 269 -13.36 -23.36 17.16
N GLU A 270 -13.73 -23.67 18.41
CA GLU A 270 -12.86 -24.44 19.29
C GLU A 270 -12.45 -25.77 18.65
N LYS A 271 -13.35 -26.43 17.91
CA LYS A 271 -13.03 -27.70 17.29
C LYS A 271 -12.08 -27.54 16.11
N ALA A 272 -12.18 -26.42 15.38
CA ALA A 272 -11.15 -26.09 14.40
C ALA A 272 -9.76 -26.00 15.03
N ALA A 273 -9.68 -25.40 16.20
CA ALA A 273 -8.40 -25.25 16.86
C ALA A 273 -7.90 -26.58 17.42
N GLU A 274 -8.79 -27.40 17.99
CA GLU A 274 -8.30 -28.67 18.53
C GLU A 274 -7.78 -29.57 17.41
N SER A 275 -8.43 -29.54 16.24
CA SER A 275 -7.90 -30.31 15.12
C SER A 275 -6.47 -29.90 14.83
N CYS A 276 -6.22 -28.59 14.77
CA CYS A 276 -4.87 -28.10 14.53
C CYS A 276 -3.92 -28.51 15.65
N ALA A 277 -4.35 -28.31 16.90
CA ALA A 277 -3.50 -28.72 18.02
C ALA A 277 -3.13 -30.18 17.92
N ALA A 278 -4.06 -31.01 17.43
CA ALA A 278 -3.76 -32.43 17.26
C ALA A 278 -2.78 -32.69 16.14
N GLN A 279 -2.64 -31.75 15.21
CA GLN A 279 -1.64 -31.81 14.15
C GLN A 279 -0.31 -31.14 14.55
N GLY A 280 -0.18 -30.71 15.80
CA GLY A 280 1.04 -30.13 16.31
C GLY A 280 1.02 -28.63 16.50
N ALA A 281 -0.13 -27.99 16.38
CA ALA A 281 -0.20 -26.56 16.55
C ALA A 281 -0.31 -26.20 18.03
N GLN A 282 0.29 -25.08 18.38
CA GLN A 282 0.30 -24.57 19.73
C GLN A 282 -0.76 -23.49 19.80
N VAL A 283 -1.75 -23.69 20.66
CA VAL A 283 -2.94 -22.86 20.70
C VAL A 283 -2.99 -22.16 22.04
N SER A 284 -3.17 -20.86 22.02
CA SER A 284 -3.25 -20.07 23.23
C SER A 284 -4.61 -19.40 23.28
N THR A 285 -5.06 -19.10 24.48
CA THR A 285 -6.38 -18.52 24.68
C THR A 285 -6.33 -17.09 25.15
N SER A 286 -5.14 -16.57 25.44
CA SER A 286 -5.03 -15.21 25.93
C SER A 286 -3.60 -14.77 25.70
N ASN A 287 -3.42 -13.46 25.63
CA ASN A 287 -2.08 -12.92 25.50
C ASN A 287 -2.06 -11.47 25.95
N ALA A 288 -0.95 -11.08 26.59
CA ALA A 288 -0.87 -9.73 27.11
C ALA A 288 -0.79 -8.71 25.99
N ASP A 289 -0.13 -9.05 24.87
CA ASP A 289 0.03 -8.13 23.75
C ASP A 289 -1.26 -7.91 22.97
N LEU A 290 -2.37 -8.49 23.37
CA LEU A 290 -3.60 -8.34 22.58
C LEU A 290 -4.24 -7.00 22.88
N PRO A 291 -4.52 -6.20 21.86
CA PRO A 291 -5.15 -4.88 22.12
C PRO A 291 -6.50 -4.95 22.81
N ASP A 292 -6.86 -3.84 23.44
CA ASP A 292 -8.17 -3.63 24.03
C ASP A 292 -9.25 -3.75 22.95
N LEU A 293 -9.89 -4.92 22.89
CA LEU A 293 -10.92 -5.13 21.86
C LEU A 293 -12.13 -4.26 22.07
N SER A 294 -12.39 -3.87 23.30
CA SER A 294 -13.50 -2.97 23.55
C SER A 294 -13.21 -1.58 23.00
N LYS A 295 -12.08 -0.96 23.42
CA LYS A 295 -11.69 0.30 22.79
C LYS A 295 -11.71 0.18 21.26
N LEU A 296 -11.20 -0.94 20.72
CA LEU A 296 -11.10 -1.06 19.27
C LEU A 296 -12.48 -1.03 18.61
N VAL A 297 -13.45 -1.72 19.20
CA VAL A 297 -14.82 -1.67 18.66
C VAL A 297 -15.32 -0.23 18.60
N SER A 298 -15.12 0.53 19.66
CA SER A 298 -15.62 1.91 19.64
C SER A 298 -14.87 2.78 18.65
N ASP A 299 -13.52 2.63 18.56
CA ASP A 299 -12.74 3.45 17.61
C ASP A 299 -13.10 3.08 16.17
N TYR A 300 -13.31 1.80 15.91
CA TYR A 300 -13.74 1.38 14.58
C TYR A 300 -15.12 1.94 14.24
N THR A 301 -16.05 1.89 15.19
CA THR A 301 -17.41 2.38 14.95
C THR A 301 -17.41 3.88 14.64
N ARG A 302 -16.71 4.67 15.46
CA ARG A 302 -16.63 6.11 15.22
C ARG A 302 -16.09 6.40 13.83
N MET A 303 -15.04 5.70 13.42
CA MET A 303 -14.47 5.97 12.11
C MET A 303 -15.42 5.52 11.01
N LEU A 304 -16.06 4.36 11.19
CA LEU A 304 -16.95 3.84 10.15
C LEU A 304 -18.10 4.80 9.88
N LEU A 305 -18.72 5.34 10.93
CA LEU A 305 -19.83 6.26 10.72
C LEU A 305 -19.38 7.50 9.96
N ILE A 306 -18.20 8.02 10.29
CA ILE A 306 -17.66 9.19 9.60
C ILE A 306 -17.42 8.87 8.12
N VAL A 307 -16.89 7.68 7.83
CA VAL A 307 -16.60 7.34 6.44
C VAL A 307 -17.88 7.22 5.62
N LEU A 308 -18.92 6.56 6.16
CA LEU A 308 -20.12 6.33 5.37
C LEU A 308 -20.87 7.63 5.18
N ALA A 309 -20.83 8.52 6.19
CA ALA A 309 -21.39 9.85 6.06
C ALA A 309 -20.55 10.77 5.18
N GLN A 310 -19.35 10.34 4.78
CA GLN A 310 -18.42 11.19 4.03
C GLN A 310 -18.10 12.49 4.78
N GLY A 311 -18.00 12.42 6.10
CA GLY A 311 -17.68 13.59 6.89
C GLY A 311 -18.79 14.59 7.11
N LYS A 312 -19.97 14.34 6.58
CA LYS A 312 -21.08 15.26 6.79
C LYS A 312 -21.80 14.91 8.09
N ALA A 313 -22.41 15.91 8.69
CA ALA A 313 -23.22 15.77 9.88
C ALA A 313 -24.66 16.21 9.62
N PRO A 314 -25.63 15.64 10.33
CA PRO A 314 -26.98 16.21 10.32
C PRO A 314 -26.94 17.68 10.74
N GLU A 315 -28.02 18.40 10.48
CA GLU A 315 -28.06 19.80 10.90
C GLU A 315 -28.47 19.88 12.36
N GLY A 316 -28.02 20.94 13.03
CA GLY A 316 -27.97 20.98 14.47
C GLY A 316 -26.80 20.24 15.07
N THR A 317 -25.95 19.63 14.25
CA THR A 317 -24.79 18.89 14.71
C THR A 317 -23.56 19.36 13.93
N GLU A 318 -22.44 19.63 14.67
CA GLU A 318 -21.21 20.11 14.02
C GLU A 318 -20.43 18.94 13.44
N PRO A 319 -19.89 19.07 12.23
CA PRO A 319 -19.09 17.98 11.67
C PRO A 319 -17.80 17.82 12.45
N VAL A 320 -17.27 16.59 12.43
CA VAL A 320 -15.92 16.36 12.91
C VAL A 320 -14.98 17.31 12.17
N SER A 321 -13.99 17.83 12.90
CA SER A 321 -13.00 18.72 12.30
C SER A 321 -11.93 17.90 11.60
N LEU A 322 -11.40 18.47 10.52
CA LEU A 322 -10.32 17.82 9.79
C LEU A 322 -9.19 17.42 10.72
N ASN A 323 -8.84 18.31 11.64
CA ASN A 323 -7.78 18.04 12.59
C ASN A 323 -8.08 16.83 13.44
N ALA A 324 -9.30 16.75 13.99
CA ALA A 324 -9.68 15.61 14.84
C ALA A 324 -9.65 14.29 14.05
N TRP A 325 -10.12 14.34 12.80
CA TRP A 325 -10.02 13.20 11.92
C TRP A 325 -8.57 12.71 11.80
N TYR A 326 -7.63 13.64 11.55
CA TYR A 326 -6.22 13.25 11.54
C TYR A 326 -5.84 12.55 12.84
N GLY A 327 -6.30 13.10 13.98
CA GLY A 327 -6.09 12.45 15.27
C GLY A 327 -6.61 11.03 15.32
N MET A 328 -7.74 10.77 14.64
CA MET A 328 -8.31 9.42 14.62
C MET A 328 -7.46 8.46 13.82
N LEU A 329 -6.98 8.91 12.67
CA LEU A 329 -6.02 8.11 11.92
C LEU A 329 -4.78 7.77 12.73
N ASP A 330 -4.32 8.69 13.60
CA ASP A 330 -3.21 8.36 14.51
C ASP A 330 -3.60 7.25 15.50
N ASP A 331 -4.80 7.34 16.08
CA ASP A 331 -5.28 6.29 16.97
C ASP A 331 -5.32 4.96 16.24
N GLN A 332 -5.80 4.97 14.98
CA GLN A 332 -5.78 3.76 14.16
C GLN A 332 -4.38 3.18 14.05
N ALA A 333 -3.42 4.01 13.64
CA ALA A 333 -2.04 3.54 13.47
C ALA A 333 -1.44 2.98 14.76
N ARG A 334 -1.73 3.62 15.88
CA ARG A 334 -1.31 3.11 17.18
C ARG A 334 -1.89 1.71 17.46
N THR A 335 -3.18 1.48 17.15
CA THR A 335 -3.80 0.16 17.33
C THR A 335 -3.18 -0.87 16.38
N ILE A 336 -2.91 -0.48 15.14
CA ILE A 336 -2.23 -1.37 14.19
C ILE A 336 -0.90 -1.84 14.74
N ARG A 337 -0.08 -0.90 15.26
CA ARG A 337 1.19 -1.25 15.87
C ARG A 337 1.00 -2.25 16.99
N GLY A 338 -0.09 -2.12 17.75
CA GLY A 338 -0.41 -3.13 18.75
C GLY A 338 -0.50 -4.52 18.17
N PHE A 339 -1.19 -4.66 17.02
CA PHE A 339 -1.29 -5.97 16.38
C PHE A 339 0.05 -6.45 15.81
N ASP A 340 0.83 -5.54 15.21
CA ASP A 340 2.17 -5.94 14.78
C ASP A 340 2.91 -6.65 15.91
N ARG A 341 2.83 -6.10 17.13
CA ARG A 341 3.48 -6.73 18.29
C ARG A 341 2.85 -8.07 18.66
N LEU A 342 1.52 -8.16 18.63
CA LEU A 342 0.88 -9.44 18.88
C LEU A 342 1.34 -10.49 17.87
N PHE A 343 1.39 -10.14 16.59
CA PHE A 343 1.80 -11.12 15.59
C PHE A 343 3.29 -11.44 15.62
N ASP A 344 4.08 -10.90 16.56
CA ASP A 344 5.41 -11.47 16.75
C ASP A 344 5.35 -12.79 17.48
N SER A 345 4.31 -13.00 18.30
CA SER A 345 4.13 -14.25 19.06
C SER A 345 3.04 -15.18 18.46
N PHE A 346 2.43 -14.83 17.33
CA PHE A 346 1.34 -15.63 16.80
C PHE A 346 1.31 -15.59 15.28
N ASP A 347 1.06 -16.75 14.67
CA ASP A 347 0.92 -16.83 13.23
C ASP A 347 -0.48 -16.53 12.75
N ALA A 348 -1.50 -16.80 13.57
CA ALA A 348 -2.88 -16.55 13.18
C ALA A 348 -3.72 -16.38 14.42
N ILE A 349 -4.83 -15.68 14.24
CA ILE A 349 -5.91 -15.61 15.22
C ILE A 349 -7.10 -16.42 14.67
N PHE A 350 -7.63 -17.34 15.48
CA PHE A 350 -8.85 -18.05 15.17
C PHE A 350 -9.97 -17.44 16.03
N CYS A 351 -11.08 -17.04 15.38
CA CYS A 351 -12.23 -16.54 16.12
C CYS A 351 -13.48 -16.66 15.27
N PRO A 352 -14.66 -16.45 15.85
CA PRO A 352 -15.88 -16.38 15.05
C PRO A 352 -15.82 -15.31 13.99
N VAL A 353 -16.55 -15.57 12.89
CA VAL A 353 -16.95 -14.54 11.96
C VAL A 353 -18.08 -13.70 12.55
N LEU A 354 -19.10 -14.39 13.09
CA LEU A 354 -20.25 -13.78 13.76
C LEU A 354 -20.70 -14.75 14.84
N GLY A 355 -21.37 -14.19 15.85
CA GLY A 355 -21.91 -14.97 16.95
C GLY A 355 -23.14 -15.84 16.63
N THR A 356 -23.77 -15.69 15.46
CA THR A 356 -24.83 -16.60 15.04
C THR A 356 -24.60 -17.09 13.63
N SER A 357 -25.37 -18.09 13.23
CA SER A 357 -25.40 -18.57 11.85
C SER A 357 -26.46 -17.72 11.16
N ALA A 358 -26.84 -18.05 9.92
CA ALA A 358 -27.71 -17.15 9.18
C ALA A 358 -29.03 -17.00 9.93
N PHE A 359 -29.49 -15.75 10.10
CA PHE A 359 -30.70 -15.41 10.82
C PHE A 359 -31.92 -15.25 9.88
N PRO A 360 -33.14 -15.26 10.42
CA PRO A 360 -34.32 -15.21 9.54
C PRO A 360 -34.50 -13.82 8.97
N HIS A 361 -35.04 -13.76 7.74
CA HIS A 361 -35.19 -12.50 7.05
C HIS A 361 -35.77 -11.43 7.97
N SER A 362 -35.25 -10.21 7.84
CA SER A 362 -35.71 -9.10 8.65
C SER A 362 -36.07 -7.95 7.74
N ASP A 363 -37.30 -7.48 7.87
CA ASP A 363 -37.80 -6.31 7.19
C ASP A 363 -37.53 -5.04 7.98
N GLU A 364 -36.89 -5.12 9.14
CA GLU A 364 -36.62 -3.93 9.95
C GLU A 364 -35.34 -3.21 9.48
N ALA A 365 -35.49 -1.97 9.02
CA ALA A 365 -34.33 -1.23 8.51
C ALA A 365 -33.32 -0.93 9.61
N ASP A 366 -33.80 -0.46 10.75
CA ASP A 366 -32.95 0.00 11.85
C ASP A 366 -32.41 -1.15 12.68
N TRP A 367 -31.08 -1.26 12.71
CA TRP A 367 -30.43 -2.34 13.44
C TRP A 367 -30.63 -2.26 14.96
N GLY A 368 -30.96 -1.09 15.48
CA GLY A 368 -31.20 -1.05 16.91
C GLY A 368 -32.50 -1.63 17.33
N LYS A 369 -33.32 -2.01 16.35
CA LYS A 369 -34.59 -2.68 16.58
C LYS A 369 -34.58 -4.13 16.15
N ARG A 370 -33.43 -4.69 15.80
CA ARG A 370 -33.31 -6.11 15.53
C ARG A 370 -32.70 -6.79 16.76
N THR A 371 -33.06 -8.05 16.98
CA THR A 371 -32.36 -8.91 17.92
C THR A 371 -31.80 -10.11 17.18
N LEU A 372 -30.92 -10.81 17.85
CA LEU A 372 -30.40 -12.10 17.43
C LEU A 372 -30.60 -13.04 18.61
N THR A 373 -31.08 -14.25 18.33
CA THR A 373 -31.23 -15.26 19.37
C THR A 373 -29.90 -15.94 19.57
N ILE A 374 -29.40 -15.88 20.80
CA ILE A 374 -28.10 -16.47 21.14
C ILE A 374 -28.35 -17.28 22.40
N ASP A 375 -28.17 -18.58 22.30
CA ASP A 375 -28.48 -19.49 23.41
C ASP A 375 -29.80 -19.16 24.06
N GLY A 376 -30.84 -19.04 23.23
CA GLY A 376 -32.20 -18.93 23.70
C GLY A 376 -32.66 -17.53 24.01
N ALA A 377 -31.74 -16.58 24.19
CA ALA A 377 -32.09 -15.24 24.59
C ALA A 377 -31.87 -14.28 23.44
N ASP A 378 -32.70 -13.24 23.42
CA ASP A 378 -32.52 -12.13 22.50
C ASP A 378 -31.34 -11.28 22.94
N THR A 379 -30.49 -10.94 21.99
CA THR A 379 -29.37 -10.03 22.19
C THR A 379 -29.44 -8.96 21.10
N PRO A 380 -28.67 -7.87 21.30
CA PRO A 380 -28.69 -6.78 20.31
C PRO A 380 -27.99 -7.21 19.03
N PHE A 381 -28.65 -6.95 17.90
CA PHE A 381 -28.14 -7.33 16.60
C PHE A 381 -26.82 -6.63 16.31
N GLY A 382 -26.76 -5.34 16.62
CA GLY A 382 -25.60 -4.54 16.20
C GLY A 382 -24.31 -4.92 16.90
N SER A 383 -24.38 -5.39 18.13
CA SER A 383 -23.21 -5.86 18.88
C SER A 383 -22.26 -6.74 18.09
N GLN A 384 -22.77 -7.49 17.12
CA GLN A 384 -21.93 -8.46 16.43
C GLN A 384 -20.86 -7.83 15.52
N LEU A 385 -20.94 -6.53 15.23
CA LEU A 385 -19.84 -5.88 14.54
C LEU A 385 -18.52 -6.14 15.23
N ALA A 386 -18.55 -6.42 16.54
CA ALA A 386 -17.31 -6.66 17.27
C ALA A 386 -16.43 -7.69 16.58
N TRP A 387 -17.02 -8.78 16.06
CA TRP A 387 -16.19 -9.90 15.63
C TRP A 387 -15.40 -9.58 14.38
N ILE A 388 -15.93 -8.70 13.54
CA ILE A 388 -15.29 -8.37 12.28
C ILE A 388 -14.48 -7.09 12.38
N SER A 389 -14.47 -6.44 13.55
CA SER A 389 -13.84 -5.13 13.70
C SER A 389 -12.32 -5.20 13.58
N MET A 390 -11.67 -6.20 14.21
CA MET A 390 -10.21 -6.22 14.27
C MET A 390 -9.57 -6.06 12.90
N ALA A 391 -9.99 -6.89 11.93
CA ALA A 391 -9.29 -6.93 10.65
C ALA A 391 -9.69 -5.78 9.74
N THR A 392 -10.86 -5.18 9.93
CA THR A 392 -11.19 -4.03 9.09
C THR A 392 -10.48 -2.77 9.59
N TYR A 393 -10.56 -2.52 10.90
CA TYR A 393 -9.92 -1.35 11.48
C TYR A 393 -8.40 -1.39 11.30
N CYS A 394 -7.78 -2.54 11.55
CA CYS A 394 -6.34 -2.60 11.54
C CYS A 394 -5.78 -3.09 10.22
N GLY A 395 -6.62 -3.41 9.23
CA GLY A 395 -6.18 -3.67 7.89
C GLY A 395 -5.80 -5.10 7.57
N MET A 396 -5.77 -5.98 8.58
CA MET A 396 -5.26 -7.34 8.41
C MET A 396 -6.11 -8.14 7.43
N PRO A 397 -5.54 -9.09 6.71
CA PRO A 397 -6.37 -9.99 5.90
C PRO A 397 -7.04 -11.01 6.81
N ALA A 398 -8.22 -11.43 6.39
CA ALA A 398 -9.08 -12.26 7.22
C ALA A 398 -9.93 -13.15 6.32
N LEU A 399 -9.75 -14.46 6.50
CA LEU A 399 -10.52 -15.48 5.80
C LEU A 399 -11.74 -15.93 6.59
N SER A 400 -12.85 -16.09 5.89
CA SER A 400 -14.03 -16.81 6.39
C SER A 400 -14.12 -18.13 5.66
N MET A 401 -14.06 -19.23 6.40
CA MET A 401 -14.06 -20.56 5.80
C MET A 401 -15.03 -21.48 6.54
N PRO A 402 -15.69 -22.39 5.82
CA PRO A 402 -16.69 -23.23 6.48
C PRO A 402 -16.05 -24.29 7.37
N VAL A 403 -16.55 -24.42 8.60
CA VAL A 403 -16.01 -25.43 9.50
C VAL A 403 -17.06 -26.36 10.09
N GLY A 404 -18.34 -26.03 10.06
CA GLY A 404 -19.36 -26.95 10.53
C GLY A 404 -20.76 -26.51 10.14
N THR A 405 -21.75 -27.16 10.74
CA THR A 405 -23.13 -26.72 10.65
C THR A 405 -23.67 -26.65 12.07
N ASP A 406 -24.64 -25.77 12.32
CA ASP A 406 -25.31 -25.82 13.63
C ASP A 406 -26.40 -26.89 13.59
N ALA A 407 -27.14 -27.02 14.70
CA ALA A 407 -28.11 -28.11 14.84
C ALA A 407 -29.27 -28.03 13.83
N ASN A 408 -29.56 -26.85 13.31
CA ASN A 408 -30.59 -26.65 12.30
C ASN A 408 -30.06 -26.77 10.86
N GLY A 409 -28.84 -27.25 10.68
CA GLY A 409 -28.24 -27.37 9.36
C GLY A 409 -27.63 -26.12 8.76
N LEU A 410 -27.60 -24.97 9.49
CA LEU A 410 -27.05 -23.75 8.90
C LEU A 410 -25.52 -23.77 8.97
N PRO A 411 -24.83 -23.37 7.89
CA PRO A 411 -23.36 -23.26 7.95
C PRO A 411 -22.86 -22.39 9.08
N ILE A 412 -21.72 -22.80 9.63
CA ILE A 412 -20.94 -22.01 10.57
C ILE A 412 -19.52 -21.80 10.06
N GLY A 413 -19.04 -20.56 10.10
CA GLY A 413 -17.75 -20.16 9.56
C GLY A 413 -16.73 -19.87 10.65
N LEU A 414 -15.46 -20.14 10.34
CA LEU A 414 -14.31 -19.73 11.14
C LEU A 414 -13.63 -18.56 10.46
N GLN A 415 -13.23 -17.57 11.25
CA GLN A 415 -12.40 -16.44 10.81
C GLN A 415 -10.95 -16.70 11.17
N ILE A 416 -10.06 -16.57 10.17
CA ILE A 416 -8.61 -16.68 10.35
C ILE A 416 -8.02 -15.32 10.00
N ILE A 417 -7.42 -14.66 10.99
CA ILE A 417 -6.77 -13.37 10.84
C ILE A 417 -5.26 -13.59 10.90
N THR A 418 -4.55 -13.09 9.90
CA THR A 418 -3.10 -13.12 9.87
C THR A 418 -2.57 -11.71 9.73
N ARG A 419 -1.25 -11.57 9.64
CA ARG A 419 -0.61 -10.26 9.69
C ARG A 419 -0.73 -9.54 8.35
N ASN A 420 -0.75 -8.22 8.41
CA ASN A 420 -0.85 -7.42 7.19
C ASN A 420 0.09 -7.93 6.11
N TRP A 421 -0.45 -8.08 4.90
CA TRP A 421 0.22 -8.44 3.66
C TRP A 421 0.46 -9.94 3.60
N SER A 422 0.10 -10.73 4.62
CA SER A 422 0.25 -12.19 4.58
C SER A 422 -1.05 -12.90 4.15
N ASP A 423 -1.72 -12.37 3.14
CA ASP A 423 -3.01 -12.91 2.72
C ASP A 423 -2.89 -14.35 2.24
N HIS A 424 -1.81 -14.67 1.53
CA HIS A 424 -1.59 -16.02 1.08
C HIS A 424 -1.41 -16.97 2.26
N ASP A 425 -0.97 -16.45 3.40
CA ASP A 425 -0.83 -17.29 4.57
C ASP A 425 -2.19 -17.63 5.17
N ALA A 426 -3.12 -16.67 5.13
CA ALA A 426 -4.46 -16.89 5.66
C ALA A 426 -5.19 -17.93 4.82
N VAL A 427 -5.03 -17.86 3.50
CA VAL A 427 -5.60 -18.87 2.61
C VAL A 427 -5.00 -20.24 2.92
N ARG A 428 -3.67 -20.30 3.07
CA ARG A 428 -2.99 -21.58 3.25
C ARG A 428 -3.34 -22.21 4.60
N ILE A 429 -3.37 -21.40 5.66
CA ILE A 429 -3.80 -21.94 6.95
C ILE A 429 -5.23 -22.48 6.87
N GLY A 430 -6.09 -21.86 6.06
CA GLY A 430 -7.44 -22.37 5.91
C GLY A 430 -7.47 -23.73 5.24
N ALA A 431 -6.72 -23.86 4.15
CA ALA A 431 -6.66 -25.17 3.48
C ALA A 431 -6.21 -26.23 4.47
N LEU A 432 -5.19 -25.91 5.28
CA LEU A 432 -4.65 -26.87 6.21
C LEU A 432 -5.62 -27.16 7.35
N VAL A 433 -6.42 -26.16 7.74
CA VAL A 433 -7.43 -26.42 8.74
C VAL A 433 -8.50 -27.38 8.17
N ALA A 434 -8.90 -27.18 6.90
CA ALA A 434 -9.85 -28.11 6.30
C ALA A 434 -9.31 -29.54 6.28
N ASP A 435 -8.02 -29.72 5.93
CA ASP A 435 -7.42 -31.05 6.01
C ASP A 435 -7.52 -31.63 7.41
N ALA A 436 -7.08 -30.88 8.43
CA ALA A 436 -7.10 -31.43 9.78
C ALA A 436 -8.54 -31.79 10.20
N LEU A 437 -9.53 -31.05 9.71
CA LEU A 437 -10.89 -31.29 10.15
C LEU A 437 -11.50 -32.49 9.45
N ALA A 438 -11.05 -32.78 8.23
CA ALA A 438 -11.35 -34.07 7.61
C ALA A 438 -10.72 -35.21 8.41
N ALA A 439 -9.52 -35.00 8.96
CA ALA A 439 -8.83 -36.01 9.73
C ALA A 439 -9.63 -36.45 10.95
N SER B 2 36.67 6.48 -5.46
CA SER B 2 37.78 5.88 -4.69
C SER B 2 37.22 5.18 -3.44
N GLU B 3 36.10 5.67 -2.90
CA GLU B 3 35.52 5.11 -1.65
C GLU B 3 34.73 3.85 -1.97
N LEU B 4 34.78 2.85 -1.09
CA LEU B 4 34.05 1.58 -1.27
C LEU B 4 32.55 1.81 -1.15
N SER B 5 31.75 1.17 -2.00
CA SER B 5 30.29 1.20 -1.91
C SER B 5 29.79 0.36 -0.73
N ALA B 6 28.48 0.43 -0.47
CA ALA B 6 27.90 -0.34 0.62
C ALA B 6 28.04 -1.83 0.37
N ILE B 7 27.73 -2.26 -0.85
CA ILE B 7 27.92 -3.66 -1.19
C ILE B 7 29.39 -4.04 -1.12
N GLU B 8 30.27 -3.15 -1.58
CA GLU B 8 31.70 -3.47 -1.58
C GLU B 8 32.18 -3.66 -0.15
N THR B 9 31.80 -2.75 0.74
CA THR B 9 32.20 -2.85 2.15
C THR B 9 31.76 -4.19 2.76
N ALA B 10 30.49 -4.56 2.55
CA ALA B 10 29.99 -5.81 3.13
C ALA B 10 30.72 -7.01 2.55
N ALA B 11 31.07 -6.95 1.25
CA ALA B 11 31.82 -8.05 0.62
C ALA B 11 33.25 -8.13 1.14
N ALA B 12 33.88 -6.98 1.38
CA ALA B 12 35.25 -6.99 1.93
C ALA B 12 35.24 -7.63 3.31
N ILE B 13 34.27 -7.25 4.14
CA ILE B 13 34.13 -7.83 5.49
C ILE B 13 33.90 -9.34 5.40
N ALA B 14 32.88 -9.77 4.66
CA ALA B 14 32.56 -11.20 4.58
C ALA B 14 33.70 -12.00 3.95
N GLY B 15 34.49 -11.37 3.08
CA GLY B 15 35.65 -12.05 2.54
C GLY B 15 36.86 -12.04 3.43
N GLY B 16 36.86 -11.25 4.49
CA GLY B 16 37.98 -11.15 5.38
C GLY B 16 39.08 -10.20 4.95
N SER B 17 38.89 -9.44 3.87
CA SER B 17 39.84 -8.41 3.48
C SER B 17 39.94 -7.28 4.51
N MET B 18 38.99 -7.17 5.43
CA MET B 18 38.97 -6.12 6.43
C MET B 18 37.88 -6.47 7.41
N THR B 19 37.98 -5.95 8.63
CA THR B 19 36.99 -6.29 9.64
C THR B 19 35.93 -5.18 9.73
N ALA B 20 34.79 -5.54 10.35
CA ALA B 20 33.75 -4.55 10.58
C ALA B 20 34.26 -3.38 11.40
N LEU B 21 35.13 -3.67 12.38
CA LEU B 21 35.67 -2.63 13.24
C LEU B 21 36.59 -1.70 12.46
N GLU B 22 37.46 -2.27 11.62
CA GLU B 22 38.27 -1.43 10.74
C GLU B 22 37.39 -0.59 9.80
N ALA B 23 36.30 -1.16 9.28
CA ALA B 23 35.43 -0.39 8.39
C ALA B 23 34.81 0.79 9.12
N CYS B 24 34.40 0.56 10.36
CA CYS B 24 33.82 1.62 11.19
C CYS B 24 34.86 2.68 11.54
N ASP B 25 36.04 2.26 11.99
CA ASP B 25 37.08 3.23 12.31
C ASP B 25 37.49 4.02 11.05
N ALA B 26 37.46 3.38 9.88
CA ALA B 26 37.80 4.10 8.66
C ALA B 26 36.77 5.18 8.38
N ALA B 27 35.49 4.83 8.50
CA ALA B 27 34.43 5.81 8.31
C ALA B 27 34.49 6.90 9.36
N ILE B 28 34.71 6.53 10.62
CA ILE B 28 34.90 7.55 11.66
C ILE B 28 36.07 8.47 11.30
N ALA B 29 37.16 7.94 10.75
CA ALA B 29 38.29 8.83 10.43
C ALA B 29 37.91 9.77 9.30
N ARG B 30 37.31 9.25 8.23
CA ARG B 30 36.89 10.12 7.14
C ARG B 30 35.98 11.25 7.65
N ILE B 31 35.04 10.91 8.53
CA ILE B 31 34.15 11.94 9.07
C ILE B 31 34.95 12.97 9.84
N GLU B 32 35.81 12.51 10.75
CA GLU B 32 36.56 13.46 11.57
C GLU B 32 37.55 14.30 10.76
N GLN B 33 38.09 13.75 9.67
CA GLN B 33 38.99 14.51 8.82
C GLN B 33 38.26 15.49 7.90
N ARG B 34 37.02 15.18 7.48
CA ARG B 34 36.43 15.87 6.33
C ARG B 34 35.23 16.74 6.64
N ASP B 35 34.62 16.60 7.82
CA ASP B 35 33.33 17.21 8.13
C ASP B 35 33.43 18.61 8.72
N GLY B 36 34.61 19.05 9.19
CA GLY B 36 34.69 20.35 9.83
C GLY B 36 34.04 21.44 9.01
N PRO B 37 34.42 21.56 7.75
CA PRO B 37 33.82 22.57 6.88
C PRO B 37 32.52 22.18 6.19
N ILE B 38 32.12 20.91 6.24
CA ILE B 38 30.84 20.52 5.63
C ILE B 38 29.71 20.54 6.66
N ASN B 39 29.94 19.95 7.83
CA ASN B 39 28.99 19.93 8.95
C ASN B 39 27.70 19.18 8.58
N ALA B 40 27.89 17.95 8.13
CA ALA B 40 26.82 17.04 7.74
C ALA B 40 26.50 16.01 8.80
N VAL B 41 27.49 15.42 9.46
CA VAL B 41 27.23 14.39 10.48
C VAL B 41 27.18 15.10 11.83
N VAL B 42 26.00 15.59 12.18
CA VAL B 42 25.84 16.47 13.32
C VAL B 42 25.39 15.74 14.58
N VAL B 43 25.08 14.46 14.48
CA VAL B 43 24.83 13.64 15.65
C VAL B 43 25.72 12.43 15.50
N ARG B 44 26.50 12.15 16.53
CA ARG B 44 27.52 11.11 16.44
C ARG B 44 27.40 10.15 17.62
N ASP B 45 27.48 8.86 17.30
CA ASP B 45 27.28 7.76 18.22
C ASP B 45 28.47 6.81 18.18
N PHE B 46 29.69 7.39 18.14
CA PHE B 46 30.86 6.64 17.71
C PHE B 46 31.17 5.48 18.66
N ASP B 47 31.07 5.70 19.96
CA ASP B 47 31.36 4.62 20.91
C ASP B 47 30.41 3.45 20.73
N ARG B 48 29.10 3.71 20.61
CA ARG B 48 28.15 2.62 20.44
C ARG B 48 28.30 1.97 19.07
N ALA B 49 28.60 2.75 18.03
CA ALA B 49 28.88 2.16 16.74
C ALA B 49 30.03 1.17 16.83
N ARG B 50 31.11 1.56 17.52
CA ARG B 50 32.26 0.67 17.64
C ARG B 50 31.91 -0.63 18.34
N GLU B 51 31.12 -0.56 19.43
CA GLU B 51 30.68 -1.77 20.11
C GLU B 51 29.89 -2.66 19.16
N ALA B 52 29.01 -2.03 18.35
CA ALA B 52 28.18 -2.81 17.41
C ALA B 52 29.01 -3.38 16.27
N ALA B 53 30.12 -2.73 15.92
CA ALA B 53 30.98 -3.31 14.89
C ALA B 53 31.71 -4.53 15.40
N LYS B 54 32.12 -4.54 16.68
CA LYS B 54 32.76 -5.73 17.25
C LYS B 54 31.75 -6.87 17.36
N ALA B 55 30.52 -6.55 17.73
CA ALA B 55 29.45 -7.53 17.67
C ALA B 55 29.30 -8.09 16.26
N ALA B 56 29.34 -7.22 15.25
CA ALA B 56 29.23 -7.73 13.89
C ALA B 56 30.40 -8.65 13.56
N ASP B 57 31.60 -8.33 14.05
CA ASP B 57 32.76 -9.19 13.79
C ASP B 57 32.59 -10.55 14.44
N GLY B 58 31.99 -10.59 15.62
CA GLY B 58 31.63 -11.87 16.20
C GLY B 58 30.73 -12.68 15.29
N GLU B 59 29.72 -12.04 14.70
CA GLU B 59 28.86 -12.75 13.76
C GLU B 59 29.67 -13.37 12.62
N VAL B 60 30.56 -12.58 12.00
CA VAL B 60 31.27 -13.07 10.81
C VAL B 60 32.19 -14.22 11.19
N ALA B 61 32.79 -14.15 12.38
CA ALA B 61 33.65 -15.22 12.85
C ALA B 61 32.89 -16.52 13.08
N ALA B 62 31.57 -16.43 13.20
CA ALA B 62 30.68 -17.55 13.44
C ALA B 62 29.96 -18.02 12.17
N GLY B 63 30.42 -17.60 10.99
CA GLY B 63 29.83 -18.08 9.75
C GLY B 63 28.52 -17.43 9.37
N VAL B 64 28.18 -16.29 9.98
CA VAL B 64 26.97 -15.53 9.65
C VAL B 64 27.31 -14.51 8.58
N SER B 65 26.47 -14.42 7.56
CA SER B 65 26.61 -13.35 6.59
C SER B 65 25.27 -12.66 6.40
N LYS B 66 25.29 -11.35 6.20
CA LYS B 66 24.09 -10.59 5.92
C LYS B 66 24.41 -9.58 4.86
N PRO B 67 23.42 -9.05 4.15
CA PRO B 67 23.70 -8.17 3.02
C PRO B 67 24.52 -6.92 3.35
N LEU B 68 24.42 -6.38 4.57
CA LEU B 68 25.09 -5.15 4.99
C LEU B 68 25.81 -5.36 6.32
N LEU B 69 26.30 -6.58 6.53
CA LEU B 69 26.89 -6.96 7.81
C LEU B 69 28.14 -6.15 8.08
N GLY B 70 28.04 -5.19 9.01
CA GLY B 70 29.18 -4.41 9.43
C GLY B 70 29.39 -3.14 8.65
N VAL B 71 28.58 -2.87 7.64
CA VAL B 71 28.69 -1.66 6.84
C VAL B 71 28.33 -0.47 7.70
N PRO B 72 29.21 0.52 7.83
CA PRO B 72 28.85 1.73 8.59
C PRO B 72 28.00 2.67 7.74
N MET B 73 27.01 3.28 8.36
CA MET B 73 26.20 4.25 7.64
C MET B 73 25.68 5.28 8.62
N THR B 74 25.00 6.29 8.09
CA THR B 74 24.28 7.25 8.91
C THR B 74 22.85 7.40 8.40
N ILE B 75 22.03 8.14 9.15
CA ILE B 75 20.65 8.32 8.75
C ILE B 75 20.22 9.75 9.03
N LYS B 76 19.28 10.24 8.22
CA LYS B 76 18.73 11.57 8.42
C LYS B 76 18.23 11.74 9.85
N GLU B 77 18.55 12.90 10.44
CA GLU B 77 18.26 13.14 11.85
C GLU B 77 16.77 13.00 12.17
N SER B 78 15.87 13.17 11.20
CA SER B 78 14.45 13.15 11.52
C SER B 78 13.90 11.73 11.73
N ILE B 79 14.69 10.69 11.42
CA ILE B 79 14.36 9.28 11.55
C ILE B 79 14.90 8.71 12.87
N ASP B 80 14.04 7.99 13.61
CA ASP B 80 14.38 7.64 14.99
C ASP B 80 15.46 6.55 15.06
N ILE B 81 16.49 6.79 15.88
CA ILE B 81 17.42 5.75 16.37
C ILE B 81 17.37 5.76 17.89
N ALA B 82 17.27 4.58 18.48
CA ALA B 82 17.09 4.49 19.92
C ALA B 82 18.30 5.04 20.67
N GLY B 83 18.09 6.04 21.51
CA GLY B 83 19.12 6.62 22.34
C GLY B 83 19.68 7.92 21.80
N LEU B 84 19.32 8.29 20.60
CA LEU B 84 19.75 9.47 19.92
C LEU B 84 18.60 10.45 19.78
N PRO B 85 18.90 11.76 19.75
CA PRO B 85 17.82 12.73 19.64
C PRO B 85 17.18 12.75 18.26
N THR B 86 15.91 13.14 18.25
CA THR B 86 15.18 13.46 17.03
C THR B 86 14.52 14.80 17.28
N SER B 87 15.03 15.84 16.63
CA SER B 87 14.64 17.21 16.87
C SER B 87 13.93 17.84 15.70
N TRP B 88 14.18 17.36 14.47
CA TRP B 88 13.75 18.08 13.28
C TRP B 88 14.27 19.52 13.24
N GLY B 89 15.35 19.83 13.99
CA GLY B 89 15.92 21.15 13.95
C GLY B 89 15.28 22.17 14.84
N PHE B 90 14.36 21.75 15.69
CA PHE B 90 13.73 22.63 16.65
C PHE B 90 14.59 22.70 17.90
N ALA B 91 14.83 23.90 18.40
CA ALA B 91 15.46 24.00 19.72
C ALA B 91 14.59 23.30 20.76
N GLU B 92 13.28 23.54 20.71
CA GLU B 92 12.33 22.91 21.61
C GLU B 92 12.52 21.40 21.73
N HIS B 93 13.11 20.73 20.73
CA HIS B 93 13.20 19.27 20.73
C HIS B 93 14.62 18.73 20.65
N ALA B 94 15.61 19.57 20.94
CA ALA B 94 17.00 19.13 20.89
C ALA B 94 17.25 17.94 21.82
N ASP B 95 16.53 17.85 22.94
CA ASP B 95 16.72 16.74 23.88
C ASP B 95 15.53 15.77 23.87
N HIS B 96 14.84 15.67 22.74
CA HIS B 96 13.88 14.59 22.58
C HIS B 96 14.65 13.37 22.15
N ILE B 97 14.85 12.43 23.06
CA ILE B 97 15.61 11.21 22.76
C ILE B 97 14.63 10.09 22.41
N ALA B 98 14.83 9.48 21.25
CA ALA B 98 13.99 8.35 20.86
C ALA B 98 14.28 7.15 21.75
N THR B 99 13.23 6.47 22.12
CA THR B 99 13.28 5.26 22.92
C THR B 99 13.28 3.98 22.08
N ALA B 100 13.01 4.08 20.79
CA ALA B 100 12.96 2.91 19.95
C ALA B 100 13.45 3.25 18.57
N ASP B 101 14.06 2.25 17.93
CA ASP B 101 14.47 2.37 16.54
C ASP B 101 13.25 2.59 15.66
N SER B 102 13.40 3.37 14.60
CA SER B 102 12.36 3.41 13.59
C SER B 102 12.37 2.08 12.84
N VAL B 103 11.38 1.85 11.95
CA VAL B 103 11.31 0.57 11.25
C VAL B 103 12.43 0.48 10.21
N VAL B 104 12.66 1.55 9.45
CA VAL B 104 13.80 1.54 8.52
C VAL B 104 15.10 1.19 9.26
N VAL B 105 15.34 1.82 10.40
CA VAL B 105 16.59 1.53 11.12
C VAL B 105 16.59 0.07 11.54
N SER B 106 15.45 -0.42 12.07
CA SER B 106 15.33 -1.83 12.46
C SER B 106 15.63 -2.77 11.31
N ARG B 107 15.09 -2.48 10.12
CA ARG B 107 15.34 -3.38 9.00
C ARG B 107 16.81 -3.36 8.59
N LEU B 108 17.43 -2.17 8.51
CA LEU B 108 18.84 -2.07 8.12
C LEU B 108 19.76 -2.73 9.13
N LYS B 109 19.44 -2.59 10.41
CA LYS B 109 20.23 -3.22 11.46
C LYS B 109 20.12 -4.74 11.42
N ALA B 110 18.91 -5.24 11.25
CA ALA B 110 18.68 -6.67 11.08
C ALA B 110 19.47 -7.24 9.93
N ALA B 111 19.77 -6.41 8.93
CA ALA B 111 20.65 -6.77 7.83
C ALA B 111 22.13 -6.52 8.15
N GLY B 112 22.45 -5.99 9.34
CA GLY B 112 23.82 -5.90 9.81
C GLY B 112 24.41 -4.51 9.90
N ALA B 113 23.78 -3.50 9.30
CA ALA B 113 24.36 -2.16 9.26
C ALA B 113 24.61 -1.60 10.65
N VAL B 114 25.67 -0.81 10.75
CA VAL B 114 26.08 -0.14 11.98
C VAL B 114 25.83 1.34 11.76
N PHE B 115 25.07 1.95 12.65
CA PHE B 115 24.68 3.34 12.49
C PHE B 115 25.62 4.20 13.31
N LEU B 116 26.32 5.11 12.63
CA LEU B 116 27.36 5.95 13.22
C LEU B 116 26.85 7.25 13.78
N GLY B 117 25.74 7.72 13.24
CA GLY B 117 25.21 9.01 13.62
C GLY B 117 24.13 9.43 12.64
N LYS B 118 23.76 10.69 12.73
CA LYS B 118 22.67 11.24 11.96
C LYS B 118 23.15 12.48 11.25
N THR B 119 22.53 12.79 10.11
CA THR B 119 22.89 13.90 9.25
C THR B 119 21.87 15.03 9.33
N ASN B 120 22.34 16.22 8.98
CA ASN B 120 21.71 17.48 9.32
C ASN B 120 20.47 17.77 8.45
N ILE B 121 19.64 18.67 8.98
CA ILE B 121 18.34 18.98 8.40
C ILE B 121 18.00 20.45 8.63
N PRO B 122 17.12 21.05 7.83
CA PRO B 122 16.55 22.35 8.18
C PRO B 122 15.46 22.22 9.26
N VAL B 123 15.12 23.38 9.84
CA VAL B 123 14.04 23.44 10.82
C VAL B 123 12.73 22.98 10.18
N ALA B 124 12.02 22.10 10.90
CA ALA B 124 10.75 21.52 10.46
C ALA B 124 10.84 20.88 9.09
N LEU B 125 12.04 20.43 8.72
CA LEU B 125 12.24 19.80 7.41
C LEU B 125 11.72 20.68 6.28
N ALA B 126 11.61 21.98 6.52
CA ALA B 126 10.88 22.85 5.62
C ALA B 126 11.78 23.75 4.77
N ASP B 127 12.81 23.18 4.15
CA ASP B 127 13.68 24.02 3.33
C ASP B 127 14.48 23.12 2.41
N TRP B 128 14.92 23.73 1.30
CA TRP B 128 15.93 23.16 0.41
C TRP B 128 17.34 23.59 0.81
N GLN B 129 17.55 23.77 2.11
CA GLN B 129 18.84 23.89 2.73
C GLN B 129 18.78 23.05 3.99
N SER B 130 19.92 22.90 4.65
CA SER B 130 19.99 22.19 5.93
C SER B 130 20.71 23.05 6.94
N SER B 131 19.93 23.77 7.75
CA SER B 131 20.45 24.64 8.78
C SER B 131 19.41 24.78 9.89
N ASN B 132 19.90 24.92 11.11
CA ASN B 132 18.99 24.97 12.24
C ASN B 132 19.80 25.34 13.47
N PRO B 133 19.14 25.74 14.57
CA PRO B 133 19.89 26.22 15.73
C PRO B 133 20.46 25.12 16.60
N ASN B 134 20.14 23.85 16.38
CA ASN B 134 20.73 22.87 17.28
C ASN B 134 22.12 22.48 16.82
N TYR B 135 22.34 22.53 15.52
CA TYR B 135 23.51 21.96 14.88
C TYR B 135 24.23 22.93 13.95
N GLY B 136 23.60 24.00 13.51
CA GLY B 136 24.20 24.84 12.48
C GLY B 136 23.85 24.38 11.07
N ARG B 137 24.72 24.76 10.12
CA ARG B 137 24.43 24.65 8.69
C ARG B 137 25.38 23.67 8.01
N THR B 138 24.88 22.98 7.00
CA THR B 138 25.64 22.03 6.19
C THR B 138 25.99 22.71 4.88
N ASN B 139 27.27 22.63 4.46
CA ASN B 139 27.72 23.30 3.25
C ASN B 139 27.97 22.27 2.16
N ASN B 140 27.63 22.63 0.94
CA ASN B 140 27.78 21.74 -0.20
C ASN B 140 29.23 21.47 -0.53
N PRO B 141 29.70 20.23 -0.50
CA PRO B 141 31.13 19.95 -0.72
C PRO B 141 31.66 20.39 -2.07
N HIS B 142 30.80 20.73 -3.02
CA HIS B 142 31.23 21.16 -4.34
C HIS B 142 31.44 22.66 -4.41
N ASP B 143 30.89 23.42 -3.47
CA ASP B 143 31.05 24.87 -3.37
C ASP B 143 30.53 25.26 -1.99
N LEU B 144 31.43 25.40 -1.03
CA LEU B 144 31.00 25.57 0.34
C LEU B 144 30.22 26.86 0.54
N THR B 145 30.18 27.76 -0.45
CA THR B 145 29.27 28.90 -0.38
C THR B 145 27.84 28.56 -0.84
N ARG B 146 27.58 27.35 -1.29
CA ARG B 146 26.26 27.01 -1.81
C ARG B 146 25.59 25.96 -0.95
N SER B 147 24.26 26.06 -0.87
CA SER B 147 23.49 25.15 -0.03
C SER B 147 23.71 23.70 -0.47
N ALA B 148 23.66 22.80 0.51
CA ALA B 148 23.69 21.36 0.30
C ALA B 148 22.32 20.80 -0.09
N GLY B 149 21.32 21.65 -0.23
CA GLY B 149 19.96 21.18 -0.38
C GLY B 149 19.35 20.75 0.95
N GLY B 150 18.08 20.33 0.85
CA GLY B 150 17.31 19.85 1.97
C GLY B 150 15.98 19.31 1.50
N SER B 151 15.28 18.68 2.43
CA SER B 151 15.63 18.68 3.84
C SER B 151 16.60 17.57 4.17
N SER B 152 16.88 16.64 3.25
CA SER B 152 17.89 15.61 3.51
C SER B 152 19.30 16.06 3.09
N GLY B 153 19.69 17.29 3.44
CA GLY B 153 20.90 17.88 2.92
C GLY B 153 22.15 17.31 3.53
N GLY B 154 22.13 17.12 4.85
CA GLY B 154 23.26 16.47 5.51
C GLY B 154 23.60 15.11 4.92
N ALA B 155 22.59 14.31 4.59
CA ALA B 155 22.83 12.98 4.07
C ALA B 155 23.50 13.05 2.70
N ALA B 156 23.06 13.98 1.85
CA ALA B 156 23.63 14.06 0.51
C ALA B 156 25.08 14.56 0.56
N ALA B 157 25.34 15.59 1.38
CA ALA B 157 26.70 16.13 1.49
C ALA B 157 27.66 15.08 2.02
N ALA B 158 27.23 14.30 3.01
CA ALA B 158 28.07 13.26 3.59
C ALA B 158 28.40 12.19 2.58
N LEU B 159 27.44 11.86 1.70
CA LEU B 159 27.74 10.91 0.62
C LEU B 159 28.71 11.53 -0.38
N ALA B 160 28.54 12.80 -0.71
CA ALA B 160 29.40 13.42 -1.71
C ALA B 160 30.83 13.53 -1.18
N ALA B 161 30.99 13.86 0.10
CA ALA B 161 32.32 13.87 0.70
C ALA B 161 32.89 12.48 0.90
N GLY B 162 32.13 11.44 0.59
CA GLY B 162 32.61 10.08 0.71
C GLY B 162 32.67 9.55 2.12
N MET B 163 31.90 10.11 3.05
CA MET B 163 32.16 9.71 4.44
C MET B 163 31.57 8.33 4.72
N VAL B 164 30.32 8.12 4.30
CA VAL B 164 29.65 6.81 4.39
C VAL B 164 29.08 6.48 3.04
N PRO B 165 28.82 5.19 2.77
CA PRO B 165 28.33 4.77 1.47
C PRO B 165 26.82 4.69 1.30
N LEU B 166 26.04 4.79 2.37
CA LEU B 166 24.61 4.64 2.30
C LEU B 166 23.96 5.61 3.27
N GLU B 167 22.83 6.18 2.85
CA GLU B 167 21.98 6.97 3.72
C GLU B 167 20.52 6.68 3.44
N TYR B 168 19.65 7.24 4.27
CA TYR B 168 18.22 7.13 4.11
C TYR B 168 17.57 8.42 4.52
N GLY B 169 16.79 9.01 3.61
CA GLY B 169 16.10 10.26 3.87
C GLY B 169 14.59 10.27 3.69
N SER B 170 14.00 11.45 3.60
CA SER B 170 12.56 11.60 3.54
C SER B 170 12.23 12.65 2.49
N ASP B 171 11.02 12.59 1.93
CA ASP B 171 10.68 13.44 0.78
C ASP B 171 9.19 13.72 0.78
N ILE B 172 8.85 15.00 0.83
CA ILE B 172 7.48 15.47 0.68
C ILE B 172 7.41 16.74 -0.16
N GLY B 173 8.54 17.40 -0.34
CA GLY B 173 8.65 18.52 -1.24
C GLY B 173 9.96 18.49 -2.01
N GLY B 174 10.40 17.33 -2.42
CA GLY B 174 11.67 17.16 -3.06
C GLY B 174 12.78 16.87 -2.11
N SER B 175 12.48 16.53 -0.86
CA SER B 175 13.50 16.56 0.16
C SER B 175 14.50 15.43 0.06
N ILE B 176 14.31 14.45 -0.83
CA ILE B 176 15.35 13.51 -1.19
C ILE B 176 15.99 13.86 -2.53
N ARG B 177 15.18 14.26 -3.50
CA ARG B 177 15.67 14.44 -4.86
C ARG B 177 16.48 15.72 -5.02
N VAL B 178 16.17 16.75 -4.27
CA VAL B 178 16.83 18.03 -4.42
C VAL B 178 18.25 18.00 -3.86
N PRO B 179 18.46 17.56 -2.62
CA PRO B 179 19.83 17.40 -2.13
C PRO B 179 20.67 16.44 -2.96
N ALA B 180 20.12 15.32 -3.43
CA ALA B 180 20.92 14.45 -4.28
C ALA B 180 21.35 15.18 -5.54
N HIS B 181 20.45 15.99 -6.10
CA HIS B 181 20.71 16.79 -7.28
C HIS B 181 21.79 17.83 -7.05
N PHE B 182 21.69 18.59 -5.95
CA PHE B 182 22.62 19.67 -5.62
C PHE B 182 24.02 19.14 -5.33
N CYS B 183 24.08 18.00 -4.65
CA CYS B 183 25.33 17.39 -4.22
C CYS B 183 25.82 16.30 -5.17
N GLY B 184 25.08 16.01 -6.23
CA GLY B 184 25.58 15.08 -7.25
C GLY B 184 25.65 13.64 -6.81
N VAL B 185 24.66 13.17 -6.04
CA VAL B 185 24.62 11.78 -5.60
C VAL B 185 23.28 11.19 -6.06
N TRP B 186 22.98 9.95 -5.65
CA TRP B 186 21.80 9.23 -6.08
C TRP B 186 20.80 9.18 -4.93
N GLY B 187 19.55 9.58 -5.21
CA GLY B 187 18.50 9.54 -4.21
C GLY B 187 17.17 9.09 -4.75
N LEU B 188 16.53 8.15 -4.07
CA LEU B 188 15.29 7.54 -4.57
C LEU B 188 14.08 7.99 -3.74
N LYS B 189 13.26 8.83 -4.34
CA LYS B 189 11.90 9.03 -3.87
C LYS B 189 11.10 7.77 -4.21
N THR B 190 10.62 7.08 -3.18
CA THR B 190 9.95 5.80 -3.34
C THR B 190 8.45 5.98 -3.59
N THR B 191 7.85 4.96 -4.20
CA THR B 191 6.39 4.86 -4.33
C THR B 191 5.73 5.09 -2.99
N PHE B 192 4.73 5.95 -2.99
CA PHE B 192 4.00 6.25 -1.76
C PHE B 192 3.55 4.98 -1.05
N ASP B 193 3.74 4.92 0.26
CA ASP B 193 3.42 3.82 1.14
C ASP B 193 4.25 2.57 0.89
N ALA B 194 5.23 2.59 -0.01
CA ALA B 194 6.02 1.40 -0.22
C ALA B 194 6.92 1.07 0.96
N VAL B 195 7.27 2.06 1.77
CA VAL B 195 8.17 1.93 2.91
C VAL B 195 7.52 2.55 4.13
N SER B 196 7.60 1.87 5.26
CA SER B 196 6.98 2.42 6.47
C SER B 196 7.64 3.70 6.97
N LEU B 197 6.79 4.65 7.37
CA LEU B 197 7.12 5.88 8.07
C LEU B 197 7.12 5.72 9.58
N GLU B 198 7.09 4.50 10.09
CA GLU B 198 7.04 4.30 11.53
C GLU B 198 8.41 4.68 12.08
N GLY B 199 8.42 5.67 12.97
CA GLY B 199 9.65 6.22 13.46
C GLY B 199 10.11 7.48 12.77
N HIS B 200 9.46 7.92 11.70
CA HIS B 200 9.66 9.28 11.17
C HIS B 200 8.50 10.14 11.68
N TYR B 201 8.60 10.40 12.97
CA TYR B 201 7.53 10.99 13.75
C TYR B 201 7.88 12.44 14.11
N LEU B 202 6.88 13.31 14.09
CA LEU B 202 7.04 14.62 14.69
C LEU B 202 7.58 14.45 16.10
N PRO B 203 8.58 15.23 16.50
CA PRO B 203 9.19 15.02 17.82
C PRO B 203 8.16 15.03 18.94
N ARG B 204 8.28 14.05 19.83
CA ARG B 204 7.43 13.86 21.00
C ARG B 204 6.02 13.36 20.68
N THR B 205 5.79 12.87 19.46
CA THR B 205 4.52 12.31 19.07
C THR B 205 4.77 10.96 18.43
N ASP B 206 3.69 10.16 18.30
CA ASP B 206 3.78 8.94 17.52
C ASP B 206 3.03 9.07 16.21
N GLY B 207 2.81 10.31 15.79
CA GLY B 207 2.15 10.59 14.53
C GLY B 207 3.16 10.87 13.45
N ALA B 208 2.99 10.18 12.31
CA ALA B 208 3.68 10.48 11.08
C ALA B 208 2.76 11.34 10.20
N ARG B 209 3.27 11.77 9.05
CA ARG B 209 2.52 12.59 8.11
C ARG B 209 1.95 11.67 7.05
N GLY B 210 0.61 11.52 7.07
CA GLY B 210 -0.04 10.41 6.42
C GLY B 210 -0.49 10.61 5.00
N GLU B 211 -0.15 11.74 4.36
CA GLU B 211 -0.22 11.83 2.90
C GLU B 211 1.08 12.39 2.36
N LEU B 212 1.35 12.10 1.09
CA LEU B 212 2.42 12.72 0.31
C LEU B 212 3.83 12.22 0.64
N GLY B 213 4.22 12.20 1.91
CA GLY B 213 5.62 11.98 2.26
C GLY B 213 6.04 10.52 2.19
N VAL B 214 7.28 10.29 1.74
CA VAL B 214 7.87 8.96 1.74
C VAL B 214 9.26 9.02 2.35
N VAL B 215 9.81 7.87 2.69
CA VAL B 215 11.23 7.75 2.98
C VAL B 215 11.87 6.87 1.91
N GLY B 216 13.16 7.08 1.69
CA GLY B 216 13.87 6.38 0.65
C GLY B 216 15.36 6.53 0.74
N PRO B 217 16.07 5.64 0.05
CA PRO B 217 17.53 5.56 0.21
C PRO B 217 18.30 6.57 -0.64
N MET B 218 19.53 6.82 -0.20
CA MET B 218 20.46 7.70 -0.87
C MET B 218 21.84 7.07 -0.83
N ALA B 219 22.55 7.12 -1.94
CA ALA B 219 23.81 6.42 -2.06
C ALA B 219 24.63 7.10 -3.15
N ARG B 220 25.75 6.47 -3.51
CA ARG B 220 26.62 6.96 -4.58
C ARG B 220 26.55 6.09 -5.83
N ASN B 221 25.68 5.08 -5.84
CA ASN B 221 25.53 4.19 -6.99
C ASN B 221 24.15 3.55 -6.93
N PRO B 222 23.61 3.15 -8.09
CA PRO B 222 22.24 2.59 -8.11
C PRO B 222 22.15 1.21 -7.48
N GLN B 223 23.22 0.42 -7.52
CA GLN B 223 23.17 -0.90 -6.92
C GLN B 223 22.92 -0.84 -5.42
N ASP B 224 23.56 0.12 -4.72
CA ASP B 224 23.28 0.28 -3.29
C ASP B 224 21.84 0.71 -3.06
N LEU B 225 21.25 1.47 -4.00
CA LEU B 225 19.86 1.91 -3.82
C LEU B 225 18.91 0.72 -3.93
N ALA B 226 19.08 -0.11 -4.96
CA ALA B 226 18.24 -1.29 -5.14
C ALA B 226 18.30 -2.21 -3.93
N LEU B 227 19.49 -2.32 -3.31
CA LEU B 227 19.62 -3.21 -2.15
C LEU B 227 18.90 -2.63 -0.95
N ALA B 228 19.18 -1.35 -0.66
CA ALA B 228 18.57 -0.70 0.50
C ALA B 228 17.06 -0.68 0.38
N LEU B 229 16.57 -0.60 -0.86
CA LEU B 229 15.13 -0.66 -1.08
C LEU B 229 14.58 -2.02 -0.68
N ASP B 230 15.21 -3.09 -1.17
CA ASP B 230 14.72 -4.43 -0.87
C ASP B 230 14.84 -4.72 0.61
N LEU B 231 15.81 -4.11 1.29
CA LEU B 231 15.94 -4.33 2.71
C LEU B 231 14.86 -3.59 3.50
N THR B 232 14.27 -2.54 2.93
CA THR B 232 13.38 -1.72 3.73
C THR B 232 11.90 -1.75 3.35
N SER B 233 11.53 -2.19 2.14
CA SER B 233 10.15 -2.02 1.69
C SER B 233 9.23 -2.93 2.50
N ARG B 234 8.01 -2.48 2.77
CA ARG B 234 7.23 -3.27 3.72
C ARG B 234 6.93 -4.66 3.17
N ILE B 235 6.77 -4.81 1.84
CA ILE B 235 6.88 -6.09 1.19
C ILE B 235 7.80 -5.96 -0.01
N ALA B 236 8.21 -7.11 -0.55
CA ALA B 236 9.11 -7.13 -1.70
C ALA B 236 8.43 -6.50 -2.90
N LEU B 237 9.07 -5.53 -3.49
CA LEU B 237 8.50 -4.84 -4.64
C LEU B 237 8.82 -5.59 -5.92
N PRO B 238 8.06 -5.32 -6.99
CA PRO B 238 8.33 -5.98 -8.28
C PRO B 238 9.73 -5.67 -8.82
N ILE B 239 10.39 -6.70 -9.35
CA ILE B 239 11.75 -6.54 -9.85
C ILE B 239 11.70 -5.78 -11.18
N ALA B 240 12.85 -5.23 -11.55
CA ALA B 240 12.92 -4.43 -12.78
C ALA B 240 12.53 -5.28 -13.98
N ARG B 241 11.64 -4.75 -14.81
CA ARG B 241 11.28 -5.38 -16.07
C ARG B 241 12.18 -4.93 -17.22
N ILE B 242 13.02 -3.91 -16.99
CA ILE B 242 13.87 -3.30 -18.01
C ILE B 242 15.26 -3.92 -17.97
N ASP B 243 15.84 -4.12 -19.15
CA ASP B 243 17.21 -4.62 -19.27
C ASP B 243 18.07 -3.80 -20.21
N THR B 244 17.48 -2.89 -20.99
CA THR B 244 18.20 -2.20 -22.05
C THR B 244 17.44 -0.94 -22.42
N LEU B 245 18.20 0.05 -22.89
CA LEU B 245 17.59 1.28 -23.40
C LEU B 245 17.01 1.09 -24.79
N ASN B 246 17.29 -0.02 -25.46
CA ASN B 246 16.75 -0.18 -26.80
C ASN B 246 15.24 -0.39 -26.71
N GLY B 247 14.47 0.49 -27.34
CA GLY B 247 13.04 0.45 -27.24
C GLY B 247 12.45 1.14 -26.03
N LEU B 248 13.25 1.50 -25.03
CA LEU B 248 12.71 2.25 -23.90
C LEU B 248 11.98 3.49 -24.40
N ARG B 249 10.82 3.78 -23.80
CA ARG B 249 9.96 4.89 -24.22
C ARG B 249 10.05 5.97 -23.15
N ILE B 250 10.63 7.11 -23.50
CA ILE B 250 10.86 8.18 -22.55
C ILE B 250 10.01 9.38 -22.97
N LEU B 251 9.22 9.87 -22.03
CA LEU B 251 8.60 11.19 -22.17
C LEU B 251 9.59 12.22 -21.59
N LEU B 252 10.12 13.07 -22.46
CA LEU B 252 11.10 14.07 -22.09
C LEU B 252 10.40 15.41 -21.92
N LEU B 253 10.47 15.96 -20.72
CA LEU B 253 9.86 17.25 -20.42
C LEU B 253 10.94 18.22 -19.93
N THR B 254 11.27 19.21 -20.75
CA THR B 254 12.23 20.24 -20.36
C THR B 254 11.53 21.53 -19.98
N HIS B 255 10.20 21.58 -20.03
CA HIS B 255 9.45 22.80 -19.74
C HIS B 255 8.27 22.49 -18.83
N HIS B 256 7.83 23.52 -18.10
CA HIS B 256 6.79 23.36 -17.12
C HIS B 256 6.11 24.72 -17.12
N PRO B 257 4.78 24.77 -17.23
CA PRO B 257 4.09 26.07 -17.28
C PRO B 257 4.09 26.82 -15.97
N ARG B 258 4.65 26.27 -14.89
CA ARG B 258 4.63 26.97 -13.62
C ARG B 258 6.02 27.20 -13.03
N ALA B 259 7.09 26.89 -13.76
CA ALA B 259 8.44 27.14 -13.27
C ALA B 259 9.42 27.11 -14.44
N ALA B 260 10.48 27.91 -14.30
CA ALA B 260 11.52 27.99 -15.30
C ALA B 260 12.62 26.98 -15.02
N ALA B 261 13.45 26.75 -16.03
CA ALA B 261 14.69 26.01 -15.88
C ALA B 261 15.82 26.75 -16.60
N ASP B 262 17.00 26.78 -15.96
CA ASP B 262 18.18 27.39 -16.57
C ASP B 262 18.68 26.55 -17.73
N SER B 263 19.20 27.24 -18.76
CA SER B 263 19.67 26.57 -19.98
C SER B 263 20.57 25.38 -19.70
N ALA B 264 21.40 25.45 -18.67
CA ALA B 264 22.36 24.39 -18.44
C ALA B 264 21.68 23.15 -17.87
N VAL B 265 20.61 23.34 -17.09
CA VAL B 265 19.83 22.21 -16.60
C VAL B 265 19.08 21.56 -17.75
N VAL B 266 18.26 22.36 -18.45
CA VAL B 266 17.56 21.91 -19.64
C VAL B 266 18.50 21.08 -20.51
N ALA B 267 19.71 21.62 -20.75
CA ALA B 267 20.63 20.99 -21.71
C ALA B 267 21.16 19.65 -21.18
N ALA B 268 21.50 19.58 -19.91
CA ALA B 268 21.98 18.31 -19.35
C ALA B 268 20.91 17.22 -19.40
N VAL B 269 19.65 17.59 -19.19
CA VAL B 269 18.58 16.62 -19.26
C VAL B 269 18.38 16.18 -20.70
N GLU B 270 18.38 17.12 -21.65
CA GLU B 270 18.23 16.74 -23.05
C GLU B 270 19.34 15.79 -23.46
N LYS B 271 20.57 16.01 -22.96
CA LYS B 271 21.69 15.17 -23.38
C LYS B 271 21.56 13.76 -22.79
N ALA B 272 21.16 13.66 -21.52
CA ALA B 272 20.85 12.35 -20.96
C ALA B 272 19.87 11.60 -21.85
N ALA B 273 18.87 12.30 -22.36
CA ALA B 273 17.88 11.63 -23.20
C ALA B 273 18.37 11.46 -24.63
N GLU B 274 19.13 12.42 -25.18
CA GLU B 274 19.71 12.20 -26.51
C GLU B 274 20.60 10.97 -26.49
N SER B 275 21.36 10.79 -25.41
CA SER B 275 22.24 9.64 -25.27
C SER B 275 21.47 8.34 -25.16
N CYS B 276 20.30 8.35 -24.51
CA CYS B 276 19.42 7.18 -24.51
C CYS B 276 18.89 6.87 -25.89
N ALA B 277 18.41 7.90 -26.60
CA ALA B 277 17.99 7.72 -27.99
C ALA B 277 19.09 7.03 -28.79
N ALA B 278 20.34 7.46 -28.59
CA ALA B 278 21.46 6.87 -29.33
C ALA B 278 21.65 5.39 -28.98
N GLN B 279 21.18 4.94 -27.83
CA GLN B 279 21.18 3.52 -27.51
C GLN B 279 19.88 2.81 -27.97
N GLY B 280 19.01 3.51 -28.70
CA GLY B 280 17.80 2.92 -29.24
C GLY B 280 16.51 3.21 -28.50
N ALA B 281 16.50 4.19 -27.59
CA ALA B 281 15.30 4.59 -26.88
C ALA B 281 14.46 5.49 -27.77
N GLN B 282 13.14 5.26 -27.77
CA GLN B 282 12.24 6.20 -28.42
C GLN B 282 11.97 7.32 -27.41
N VAL B 283 12.22 8.55 -27.80
CA VAL B 283 11.97 9.72 -26.98
C VAL B 283 10.84 10.52 -27.62
N SER B 284 9.99 11.10 -26.78
CA SER B 284 8.89 11.95 -27.22
C SER B 284 8.91 13.17 -26.29
N THR B 285 8.39 14.30 -26.77
CA THR B 285 8.40 15.51 -25.97
C THR B 285 7.01 15.99 -25.60
N SER B 286 5.96 15.28 -25.99
CA SER B 286 4.59 15.68 -25.70
C SER B 286 3.67 14.48 -25.74
N ASN B 287 2.50 14.62 -25.11
CA ASN B 287 1.48 13.58 -25.16
C ASN B 287 0.15 14.16 -24.72
N ALA B 288 -0.91 13.86 -25.48
CA ALA B 288 -2.24 14.27 -25.04
C ALA B 288 -2.64 13.64 -23.70
N ASP B 289 -2.10 12.47 -23.38
CA ASP B 289 -2.37 11.87 -22.06
C ASP B 289 -1.55 12.49 -20.91
N LEU B 290 -0.89 13.62 -21.11
CA LEU B 290 -0.17 14.23 -19.99
C LEU B 290 -1.14 15.02 -19.13
N PRO B 291 -1.30 14.68 -17.86
CA PRO B 291 -2.17 15.48 -17.00
C PRO B 291 -1.79 16.94 -16.98
N ASP B 292 -2.77 17.81 -16.78
CA ASP B 292 -2.58 19.24 -16.67
C ASP B 292 -1.63 19.61 -15.55
N LEU B 293 -0.41 20.04 -15.90
CA LEU B 293 0.61 20.23 -14.87
C LEU B 293 0.37 21.47 -14.03
N SER B 294 -0.35 22.47 -14.55
CA SER B 294 -0.65 23.64 -13.74
C SER B 294 -1.69 23.31 -12.67
N LYS B 295 -2.81 22.65 -13.05
CA LYS B 295 -3.79 22.19 -12.06
C LYS B 295 -3.10 21.32 -10.99
N LEU B 296 -2.21 20.43 -11.42
CA LEU B 296 -1.54 19.54 -10.48
C LEU B 296 -0.75 20.31 -9.44
N VAL B 297 -0.06 21.36 -9.85
CA VAL B 297 0.78 22.13 -8.92
C VAL B 297 -0.10 22.80 -7.87
N SER B 298 -1.25 23.33 -8.29
CA SER B 298 -2.14 23.97 -7.33
C SER B 298 -2.81 22.94 -6.43
N ASP B 299 -3.33 21.86 -7.02
CA ASP B 299 -3.93 20.79 -6.22
C ASP B 299 -2.94 20.31 -5.17
N TYR B 300 -1.66 20.20 -5.56
CA TYR B 300 -0.63 19.70 -4.65
C TYR B 300 -0.26 20.75 -3.62
N THR B 301 -0.16 22.00 -4.01
CA THR B 301 0.14 23.03 -3.03
C THR B 301 -0.94 23.12 -1.96
N ARG B 302 -2.21 23.02 -2.35
CA ARG B 302 -3.29 23.11 -1.37
C ARG B 302 -3.24 21.93 -0.39
N MET B 303 -3.08 20.73 -0.93
CA MET B 303 -3.01 19.57 -0.06
C MET B 303 -1.79 19.65 0.88
N LEU B 304 -0.65 20.11 0.35
CA LEU B 304 0.59 20.13 1.13
C LEU B 304 0.48 21.10 2.31
N LEU B 305 0.03 22.33 2.03
CA LEU B 305 -0.23 23.28 3.11
C LEU B 305 -1.12 22.67 4.19
N ILE B 306 -2.20 21.97 3.80
CA ILE B 306 -3.12 21.42 4.79
C ILE B 306 -2.43 20.35 5.61
N VAL B 307 -1.73 19.41 4.95
CA VAL B 307 -1.01 18.36 5.65
C VAL B 307 -0.05 18.94 6.70
N LEU B 308 0.83 19.84 6.26
CA LEU B 308 1.79 20.44 7.17
C LEU B 308 1.11 21.21 8.28
N ALA B 309 -0.07 21.79 8.02
CA ALA B 309 -0.80 22.46 9.09
C ALA B 309 -1.62 21.49 9.93
N GLN B 310 -1.58 20.20 9.61
CA GLN B 310 -2.37 19.21 10.33
C GLN B 310 -3.85 19.59 10.36
N GLY B 311 -4.32 20.24 9.30
CA GLY B 311 -5.71 20.65 9.21
C GLY B 311 -6.13 21.85 10.03
N LYS B 312 -5.22 22.46 10.79
CA LYS B 312 -5.51 23.67 11.54
C LYS B 312 -5.44 24.89 10.64
N ALA B 313 -6.06 25.96 11.09
CA ALA B 313 -6.05 27.20 10.31
C ALA B 313 -5.68 28.38 11.21
N PRO B 314 -5.03 29.40 10.65
CA PRO B 314 -4.87 30.65 11.42
C PRO B 314 -6.26 31.12 11.83
N GLU B 315 -6.43 31.35 13.13
CA GLU B 315 -7.70 31.88 13.62
C GLU B 315 -8.06 33.16 12.86
N GLY B 316 -9.36 33.48 12.82
CA GLY B 316 -9.88 34.42 11.85
C GLY B 316 -10.12 33.83 10.49
N THR B 317 -9.80 32.55 10.28
CA THR B 317 -9.95 31.89 9.00
C THR B 317 -10.53 30.50 9.23
N GLU B 318 -11.56 30.15 8.46
CA GLU B 318 -12.22 28.86 8.65
C GLU B 318 -11.28 27.75 8.23
N PRO B 319 -11.24 26.64 8.98
CA PRO B 319 -10.53 25.45 8.50
C PRO B 319 -11.27 24.78 7.36
N VAL B 320 -10.50 23.99 6.59
CA VAL B 320 -11.08 23.11 5.59
C VAL B 320 -11.92 22.06 6.29
N SER B 321 -13.10 21.81 5.73
CA SER B 321 -13.99 20.81 6.29
C SER B 321 -13.47 19.41 5.98
N LEU B 322 -13.86 18.47 6.85
CA LEU B 322 -13.59 17.06 6.59
C LEU B 322 -14.13 16.64 5.23
N ASN B 323 -15.37 17.04 4.89
CA ASN B 323 -15.94 16.58 3.63
C ASN B 323 -15.19 17.16 2.45
N ALA B 324 -14.81 18.44 2.52
CA ALA B 324 -13.94 19.05 1.52
C ALA B 324 -12.62 18.31 1.37
N TRP B 325 -12.01 17.92 2.49
CA TRP B 325 -10.79 17.13 2.45
C TRP B 325 -10.99 15.84 1.66
N TYR B 326 -12.10 15.13 1.90
CA TYR B 326 -12.40 13.93 1.13
C TYR B 326 -12.51 14.23 -0.36
N GLY B 327 -13.04 15.42 -0.70
CA GLY B 327 -13.06 15.82 -2.09
C GLY B 327 -11.68 16.03 -2.68
N MET B 328 -10.74 16.60 -1.90
CA MET B 328 -9.40 16.80 -2.42
C MET B 328 -8.72 15.47 -2.67
N LEU B 329 -8.91 14.49 -1.79
CA LEU B 329 -8.41 13.14 -2.04
C LEU B 329 -9.05 12.53 -3.28
N ASP B 330 -10.32 12.86 -3.56
CA ASP B 330 -10.94 12.38 -4.80
C ASP B 330 -10.25 12.98 -6.01
N ASP B 331 -9.98 14.30 -5.98
CA ASP B 331 -9.21 14.95 -7.03
C ASP B 331 -7.86 14.25 -7.22
N GLN B 332 -7.16 13.98 -6.12
CA GLN B 332 -5.87 13.31 -6.22
C GLN B 332 -6.01 11.96 -6.91
N ALA B 333 -6.99 11.17 -6.48
CA ALA B 333 -7.21 9.88 -7.09
C ALA B 333 -7.42 10.00 -8.59
N ARG B 334 -8.24 10.96 -9.00
CA ARG B 334 -8.44 11.24 -10.43
C ARG B 334 -7.12 11.59 -11.14
N THR B 335 -6.26 12.38 -10.51
CA THR B 335 -5.01 12.74 -11.20
C THR B 335 -4.08 11.52 -11.31
N ILE B 336 -4.01 10.71 -10.26
CA ILE B 336 -3.22 9.48 -10.32
C ILE B 336 -3.66 8.63 -11.50
N ARG B 337 -4.97 8.56 -11.73
CA ARG B 337 -5.51 7.79 -12.85
C ARG B 337 -5.03 8.37 -14.17
N GLY B 338 -5.05 9.70 -14.29
CA GLY B 338 -4.41 10.35 -15.44
C GLY B 338 -3.00 9.86 -15.74
N PHE B 339 -2.18 9.70 -14.70
CA PHE B 339 -0.82 9.19 -14.90
C PHE B 339 -0.80 7.70 -15.20
N ASP B 340 -1.71 6.92 -14.61
CA ASP B 340 -1.85 5.52 -15.00
C ASP B 340 -2.04 5.41 -16.51
N ARG B 341 -2.89 6.29 -17.06
CA ARG B 341 -3.16 6.28 -18.50
C ARG B 341 -1.93 6.71 -19.29
N LEU B 342 -1.21 7.71 -18.83
CA LEU B 342 0.00 8.14 -19.54
C LEU B 342 1.05 7.03 -19.59
N PHE B 343 1.17 6.25 -18.51
CA PHE B 343 2.21 5.24 -18.47
C PHE B 343 1.90 3.99 -19.28
N ASP B 344 0.72 3.84 -19.89
CA ASP B 344 0.58 2.81 -20.90
C ASP B 344 1.41 3.13 -22.13
N SER B 345 1.70 4.42 -22.36
CA SER B 345 2.48 4.84 -23.53
C SER B 345 3.95 5.12 -23.21
N PHE B 346 4.35 5.13 -21.94
CA PHE B 346 5.71 5.50 -21.60
C PHE B 346 6.26 4.68 -20.45
N ASP B 347 7.53 4.31 -20.58
CA ASP B 347 8.21 3.62 -19.49
C ASP B 347 8.80 4.59 -18.48
N ALA B 348 9.08 5.82 -18.88
CA ALA B 348 9.69 6.74 -17.93
C ALA B 348 9.47 8.17 -18.40
N ILE B 349 9.48 9.07 -17.43
CA ILE B 349 9.52 10.50 -17.70
C ILE B 349 10.90 11.01 -17.29
N PHE B 350 11.58 11.65 -18.24
CA PHE B 350 12.86 12.31 -17.97
C PHE B 350 12.60 13.81 -17.83
N CYS B 351 12.93 14.38 -16.69
CA CYS B 351 12.70 15.81 -16.50
C CYS B 351 13.70 16.34 -15.49
N PRO B 352 13.79 17.67 -15.35
CA PRO B 352 14.67 18.25 -14.33
C PRO B 352 14.20 17.95 -12.92
N VAL B 353 15.16 17.82 -12.02
CA VAL B 353 14.85 17.79 -10.59
C VAL B 353 14.44 19.18 -10.14
N LEU B 354 15.24 20.19 -10.50
CA LEU B 354 14.89 21.57 -10.30
C LEU B 354 15.44 22.42 -11.43
N GLY B 355 15.04 23.71 -11.44
CA GLY B 355 15.47 24.63 -12.48
C GLY B 355 16.86 25.21 -12.30
N THR B 356 17.34 25.30 -11.06
CA THR B 356 18.69 25.78 -10.81
C THR B 356 19.51 24.67 -10.17
N SER B 357 20.83 24.83 -10.24
CA SER B 357 21.77 24.05 -9.45
C SER B 357 21.82 24.64 -8.04
N ALA B 358 22.70 24.13 -7.19
CA ALA B 358 22.78 24.59 -5.81
C ALA B 358 22.97 26.10 -5.78
N PHE B 359 22.17 26.77 -5.00
CA PHE B 359 22.15 28.22 -4.92
C PHE B 359 22.90 28.70 -3.69
N PRO B 360 23.31 29.97 -3.68
CA PRO B 360 24.05 30.49 -2.51
C PRO B 360 23.19 30.42 -1.25
N HIS B 361 23.86 30.26 -0.10
CA HIS B 361 23.17 30.19 1.18
C HIS B 361 22.23 31.38 1.33
N SER B 362 21.02 31.14 1.84
CA SER B 362 20.08 32.21 2.10
C SER B 362 19.69 32.26 3.58
N ASP B 363 19.68 33.46 4.14
CA ASP B 363 19.25 33.67 5.52
C ASP B 363 17.77 34.03 5.63
N GLU B 364 17.06 34.16 4.52
CA GLU B 364 15.65 34.54 4.51
C GLU B 364 14.73 33.32 4.68
N ALA B 365 13.94 33.33 5.77
CA ALA B 365 13.10 32.18 6.09
C ALA B 365 11.89 32.09 5.17
N ASP B 366 11.29 33.23 4.84
CA ASP B 366 10.09 33.27 4.01
C ASP B 366 10.49 33.04 2.56
N TRP B 367 9.95 31.96 1.96
CA TRP B 367 10.26 31.66 0.57
C TRP B 367 9.69 32.71 -0.38
N GLY B 368 8.66 33.44 0.03
CA GLY B 368 8.11 34.48 -0.80
C GLY B 368 9.05 35.65 -0.98
N LYS B 369 9.98 35.83 -0.04
CA LYS B 369 11.02 36.84 -0.13
C LYS B 369 12.35 36.26 -0.60
N ARG B 370 12.32 35.25 -1.48
CA ARG B 370 13.52 34.72 -2.08
C ARG B 370 13.37 34.73 -3.60
N THR B 371 14.50 34.79 -4.29
CA THR B 371 14.54 34.65 -5.73
C THR B 371 15.64 33.67 -6.12
N LEU B 372 15.54 33.19 -7.34
CA LEU B 372 16.50 32.32 -7.97
C LEU B 372 16.90 32.96 -9.28
N THR B 373 18.17 32.94 -9.60
CA THR B 373 18.63 33.44 -10.89
C THR B 373 18.54 32.31 -11.91
N ILE B 374 17.72 32.51 -12.93
CA ILE B 374 17.50 31.54 -14.00
C ILE B 374 17.73 32.28 -15.30
N ASP B 375 18.73 31.85 -16.07
CA ASP B 375 19.06 32.49 -17.33
C ASP B 375 19.16 34.00 -17.16
N GLY B 376 19.98 34.41 -16.19
CA GLY B 376 20.27 35.83 -15.98
C GLY B 376 19.06 36.66 -15.67
N ALA B 377 18.13 36.16 -14.86
CA ALA B 377 16.90 36.86 -14.54
C ALA B 377 16.34 36.32 -13.23
N ASP B 378 15.81 37.22 -12.41
CA ASP B 378 15.26 36.82 -11.12
C ASP B 378 13.93 36.11 -11.30
N THR B 379 13.75 34.99 -10.61
CA THR B 379 12.50 34.24 -10.62
C THR B 379 12.03 33.95 -9.20
N PRO B 380 10.74 33.74 -9.01
CA PRO B 380 10.23 33.41 -7.67
C PRO B 380 10.75 32.05 -7.20
N PHE B 381 11.27 32.05 -5.97
CA PHE B 381 11.88 30.85 -5.41
C PHE B 381 10.90 29.68 -5.34
N GLY B 382 9.70 29.93 -4.83
CA GLY B 382 8.75 28.85 -4.56
C GLY B 382 8.14 28.23 -5.80
N SER B 383 8.24 28.88 -6.95
CA SER B 383 7.73 28.30 -8.19
C SER B 383 8.35 26.94 -8.51
N GLN B 384 9.59 26.70 -8.08
CA GLN B 384 10.28 25.47 -8.46
C GLN B 384 9.66 24.21 -7.83
N LEU B 385 8.73 24.35 -6.89
CA LEU B 385 7.99 23.19 -6.41
C LEU B 385 7.39 22.41 -7.57
N ALA B 386 7.06 23.12 -8.65
CA ALA B 386 6.50 22.51 -9.84
C ALA B 386 7.23 21.23 -10.23
N TRP B 387 8.57 21.24 -10.22
CA TRP B 387 9.29 20.14 -10.85
C TRP B 387 9.20 18.85 -10.04
N ILE B 388 8.92 18.93 -8.74
CA ILE B 388 8.86 17.75 -7.89
C ILE B 388 7.44 17.33 -7.54
N SER B 389 6.42 18.07 -7.99
CA SER B 389 5.05 17.83 -7.54
C SER B 389 4.47 16.55 -8.13
N MET B 390 4.84 16.19 -9.35
CA MET B 390 4.20 15.05 -10.01
C MET B 390 4.39 13.78 -9.21
N ALA B 391 5.64 13.40 -8.95
CA ALA B 391 5.87 12.13 -8.26
C ALA B 391 5.35 12.19 -6.84
N THR B 392 5.34 13.38 -6.20
CA THR B 392 4.84 13.44 -4.83
C THR B 392 3.31 13.37 -4.76
N TYR B 393 2.60 14.14 -5.60
CA TYR B 393 1.15 14.20 -5.52
C TYR B 393 0.51 12.88 -5.93
N CYS B 394 1.07 12.21 -6.94
CA CYS B 394 0.49 11.00 -7.50
C CYS B 394 1.22 9.73 -7.06
N GLY B 395 2.29 9.87 -6.28
CA GLY B 395 2.86 8.75 -5.57
C GLY B 395 3.96 8.03 -6.30
N MET B 396 4.22 8.37 -7.57
CA MET B 396 5.18 7.61 -8.35
C MET B 396 6.56 7.62 -7.69
N PRO B 397 7.32 6.54 -7.88
CA PRO B 397 8.73 6.59 -7.51
C PRO B 397 9.48 7.49 -8.48
N ALA B 398 10.53 8.15 -7.98
CA ALA B 398 11.30 9.05 -8.82
C ALA B 398 12.74 9.12 -8.34
N LEU B 399 13.66 8.79 -9.24
CA LEU B 399 15.09 8.81 -8.97
C LEU B 399 15.69 10.16 -9.33
N SER B 400 16.64 10.60 -8.53
CA SER B 400 17.48 11.75 -8.84
C SER B 400 18.90 11.23 -9.02
N MET B 401 19.43 11.35 -10.23
CA MET B 401 20.78 10.87 -10.47
C MET B 401 21.64 11.97 -11.07
N PRO B 402 22.95 11.95 -10.78
CA PRO B 402 23.84 12.97 -11.36
C PRO B 402 24.10 12.70 -12.83
N VAL B 403 23.92 13.74 -13.66
CA VAL B 403 24.15 13.65 -15.10
C VAL B 403 25.20 14.63 -15.63
N GLY B 404 25.62 15.61 -14.86
CA GLY B 404 26.63 16.52 -15.37
C GLY B 404 26.77 17.74 -14.48
N THR B 405 27.53 18.70 -15.00
CA THR B 405 27.93 19.85 -14.21
C THR B 405 27.72 21.12 -15.02
N ASP B 406 27.39 22.19 -14.32
CA ASP B 406 27.24 23.49 -14.98
C ASP B 406 28.61 24.15 -15.13
N ALA B 407 28.64 25.45 -15.46
CA ALA B 407 29.92 26.13 -15.69
C ALA B 407 30.68 26.39 -14.39
N ASN B 408 29.97 26.63 -13.28
CA ASN B 408 30.60 26.81 -11.97
C ASN B 408 31.01 25.50 -11.32
N GLY B 409 30.88 24.38 -12.03
CA GLY B 409 31.14 23.07 -11.49
C GLY B 409 30.03 22.47 -10.64
N LEU B 410 28.89 23.11 -10.57
CA LEU B 410 27.92 22.59 -9.63
C LEU B 410 27.20 21.37 -10.21
N PRO B 411 26.92 20.36 -9.39
CA PRO B 411 26.14 19.20 -9.87
C PRO B 411 24.78 19.57 -10.43
N ILE B 412 24.38 18.77 -11.43
CA ILE B 412 23.04 18.75 -12.02
C ILE B 412 22.50 17.33 -12.04
N GLY B 413 21.25 17.16 -11.59
CA GLY B 413 20.62 15.85 -11.60
C GLY B 413 19.55 15.71 -12.66
N LEU B 414 19.27 14.46 -13.01
CA LEU B 414 18.12 14.07 -13.82
C LEU B 414 17.08 13.42 -12.92
N GLN B 415 15.80 13.73 -13.18
CA GLN B 415 14.70 13.05 -12.51
C GLN B 415 14.09 12.00 -13.44
N ILE B 416 14.13 10.75 -13.02
CA ILE B 416 13.55 9.63 -13.73
C ILE B 416 12.29 9.21 -12.96
N ILE B 417 11.12 9.42 -13.56
CA ILE B 417 9.84 9.07 -12.92
C ILE B 417 9.21 7.90 -13.68
N THR B 418 8.92 6.82 -12.95
CA THR B 418 8.30 5.63 -13.51
C THR B 418 6.94 5.36 -12.83
N ARG B 419 6.23 4.34 -13.31
CA ARG B 419 4.87 4.09 -12.82
C ARG B 419 4.90 3.62 -11.37
N ASN B 420 3.81 3.90 -10.66
CA ASN B 420 3.69 3.50 -9.25
C ASN B 420 4.08 2.04 -9.06
N TRP B 421 4.85 1.77 -8.01
CA TRP B 421 5.33 0.45 -7.55
C TRP B 421 6.49 -0.05 -8.42
N SER B 422 6.96 0.71 -9.40
CA SER B 422 8.10 0.30 -10.25
C SER B 422 9.40 0.97 -9.81
N ASP B 423 9.63 1.08 -8.51
CA ASP B 423 10.84 1.72 -8.02
C ASP B 423 12.08 1.06 -8.61
N HIS B 424 12.06 -0.28 -8.77
CA HIS B 424 13.23 -0.96 -9.30
C HIS B 424 13.48 -0.60 -10.76
N ASP B 425 12.42 -0.26 -11.49
CA ASP B 425 12.59 0.18 -12.87
C ASP B 425 13.26 1.55 -12.93
N ALA B 426 12.90 2.44 -12.01
CA ALA B 426 13.51 3.75 -11.96
C ALA B 426 15.01 3.63 -11.66
N VAL B 427 15.35 2.84 -10.64
CA VAL B 427 16.76 2.59 -10.35
C VAL B 427 17.46 1.99 -11.56
N ARG B 428 16.88 0.93 -12.14
CA ARG B 428 17.53 0.30 -13.28
C ARG B 428 17.73 1.30 -14.41
N ILE B 429 16.67 2.01 -14.79
CA ILE B 429 16.80 2.96 -15.90
C ILE B 429 17.95 3.92 -15.62
N GLY B 430 18.04 4.41 -14.37
CA GLY B 430 19.11 5.31 -14.00
C GLY B 430 20.48 4.69 -14.19
N ALA B 431 20.63 3.43 -13.76
CA ALA B 431 21.86 2.70 -14.01
C ALA B 431 22.18 2.69 -15.50
N LEU B 432 21.20 2.36 -16.32
CA LEU B 432 21.43 2.29 -17.76
C LEU B 432 21.82 3.66 -18.32
N VAL B 433 21.22 4.74 -17.79
CA VAL B 433 21.54 6.08 -18.26
C VAL B 433 23.01 6.43 -17.94
N ALA B 434 23.47 6.06 -16.74
CA ALA B 434 24.87 6.26 -16.39
C ALA B 434 25.78 5.56 -17.38
N ASP B 435 25.53 4.29 -17.68
CA ASP B 435 26.33 3.59 -18.68
C ASP B 435 26.29 4.31 -20.02
N ALA B 436 25.11 4.72 -20.47
CA ALA B 436 24.99 5.38 -21.76
C ALA B 436 25.82 6.65 -21.80
N LEU B 437 25.80 7.43 -20.72
CA LEU B 437 26.54 8.69 -20.71
C LEU B 437 28.04 8.46 -20.77
N ALA B 438 28.55 7.41 -20.14
CA ALA B 438 29.99 7.14 -20.17
C ALA B 438 30.47 6.64 -21.53
N ALA B 439 29.56 6.21 -22.40
CA ALA B 439 29.95 5.73 -23.72
C ALA B 439 30.81 6.76 -24.45
C1 PG6 C . -13.89 -29.17 -6.45
O1 PG6 C . -13.28 -28.25 -5.54
C2 PG6 C . -14.17 -27.68 -4.60
C3 PG6 C . -14.69 -28.75 -3.67
O2 PG6 C . -15.43 -28.21 -2.59
C4 PG6 C . -15.50 -29.00 -1.44
C5 PG6 C . -14.55 -28.54 -0.35
O3 PG6 C . -14.78 -27.22 0.13
C6 PG6 C . -15.01 -27.11 1.52
C7 PG6 C . -16.41 -26.60 1.81
O4 PG6 C . -17.37 -27.63 2.09
C8 PG6 C . -18.73 -27.29 1.84
C9 PG6 C . -19.32 -26.28 2.81
O5 PG6 C . -19.52 -26.81 4.13
C10 PG6 C . -20.78 -26.62 4.74
C11 PG6 C . -21.36 -27.96 5.16
O6 PG6 C . -21.14 -28.99 4.19
C12 PG6 C . -22.23 -29.77 3.85
H11 PG6 C . -14.54 -28.73 -7.05
H12 PG6 C . -14.38 -29.88 -6.01
H13 PG6 C . -13.24 -29.59 -7.04
H21 PG6 C . -14.92 -27.26 -5.05
H22 PG6 C . -13.73 -26.98 -4.10
H31 PG6 C . -13.92 -29.25 -3.34
H32 PG6 C . -15.22 -29.37 -4.19
H41 PG6 C . -15.29 -29.92 -1.67
H42 PG6 C . -16.41 -29.00 -1.10
H51 PG6 C . -13.65 -28.63 -0.70
H52 PG6 C . -14.63 -29.18 0.39
H61 PG6 C . -14.37 -26.50 1.91
H62 PG6 C . -14.89 -27.96 1.94
H71 PG6 C . -16.69 -26.07 1.05
H72 PG6 C . -16.34 -25.98 2.56
H81 PG6 C . -19.27 -28.10 1.87
H82 PG6 C . -18.81 -26.94 0.94
H91 PG6 C . -20.16 -25.97 2.44
H92 PG6 C . -18.73 -25.52 2.83
H101 PG6 C . -21.38 -26.17 4.14
H102 PG6 C . -20.68 -26.04 5.52
H111 PG6 C . -22.31 -27.84 5.32
H112 PG6 C . -20.95 -28.20 6.01
H121 PG6 C . -22.83 -29.23 3.32
H122 PG6 C . -22.66 -30.05 4.68
H123 PG6 C . -21.91 -30.54 3.34
S SO4 D . -18.54 -9.45 -20.32
O1 SO4 D . -19.76 -9.57 -19.45
O2 SO4 D . -18.94 -8.87 -21.61
O3 SO4 D . -17.63 -8.48 -19.72
O4 SO4 D . -17.80 -10.75 -20.44
S SO4 E . -2.79 -22.34 -1.25
O1 SO4 E . -3.91 -23.05 -0.59
O2 SO4 E . -3.02 -22.35 -2.70
O3 SO4 E . -2.67 -20.97 -0.75
O4 SO4 E . -1.56 -23.06 -0.94
S SO4 F . 23.60 2.00 17.14
O1 SO4 F . 22.27 2.35 16.68
O2 SO4 F . 24.26 1.07 16.16
O3 SO4 F . 24.37 3.27 17.16
O4 SO4 F . 23.48 1.50 18.54
#